data_2ORF
# 
_entry.id   2ORF 
# 
_audit_conform.dict_name       mmcif_pdbx.dic 
_audit_conform.dict_version    5.377 
_audit_conform.dict_location   http://mmcif.pdb.org/dictionaries/ascii/mmcif_pdbx.dic 
# 
loop_
_database_2.database_id 
_database_2.database_code 
_database_2.pdbx_database_accession 
_database_2.pdbx_DOI 
PDB   2ORF         pdb_00002orf 10.2210/pdb2orf/pdb 
NDB   UD0074       ?            ?                   
RCSB  RCSB041492   ?            ?                   
WWPDB D_1000041492 ?            ?                   
# 
loop_
_pdbx_database_related.db_name 
_pdbx_database_related.db_id 
_pdbx_database_related.details 
_pdbx_database_related.content_type 
PDB 2ORG . unspecified 
PDB 2ORH . unspecified 
# 
_pdbx_database_status.status_code                     REL 
_pdbx_database_status.entry_id                        2ORF 
_pdbx_database_status.recvd_initial_deposition_date   2007-02-02 
_pdbx_database_status.deposit_site                    RCSB 
_pdbx_database_status.process_site                    RCSB 
_pdbx_database_status.status_code_sf                  REL 
_pdbx_database_status.status_code_mr                  ? 
_pdbx_database_status.SG_entry                        ? 
_pdbx_database_status.pdb_format_compatible           Y 
_pdbx_database_status.status_code_cs                  ? 
_pdbx_database_status.methods_development_category    ? 
_pdbx_database_status.status_code_nmr_data            ? 
# 
loop_
_audit_author.name 
_audit_author.pdbx_ordinal 
'Voth, A.R.' 1 
'Hays, F.A.' 2 
'Ho, P.S.'   3 
# 
_citation.id                        primary 
_citation.title                     'Directing macromolecular conformation through halogen bonds.' 
_citation.journal_abbrev            Proc.Natl.Acad.Sci.Usa 
_citation.journal_volume            104 
_citation.page_first                6188 
_citation.page_last                 6193 
_citation.year                      2007 
_citation.journal_id_ASTM           PNASA6 
_citation.country                   US 
_citation.journal_id_ISSN           0027-8424 
_citation.journal_id_CSD            0040 
_citation.book_publisher            ? 
_citation.pdbx_database_id_PubMed   17379665 
_citation.pdbx_database_id_DOI      10.1073/pnas.0610531104 
# 
loop_
_citation_author.citation_id 
_citation_author.name 
_citation_author.ordinal 
_citation_author.identifier_ORCID 
primary 'Voth, A.R.' 1 ? 
primary 'Hays, F.A.' 2 ? 
primary 'Ho, P.S.'   3 ? 
# 
_cell.entry_id           2ORF 
_cell.length_a           65.890 
_cell.length_b           24.207 
_cell.length_c           37.294 
_cell.angle_alpha        90.00 
_cell.angle_beta         111.02 
_cell.angle_gamma        90.00 
_cell.Z_PDB              4 
_cell.pdbx_unique_axis   ? 
_cell.length_a_esd       ? 
_cell.length_b_esd       ? 
_cell.length_c_esd       ? 
_cell.angle_alpha_esd    ? 
_cell.angle_beta_esd     ? 
_cell.angle_gamma_esd    ? 
# 
_symmetry.entry_id                         2ORF 
_symmetry.space_group_name_H-M             'C 1 2 1' 
_symmetry.pdbx_full_space_group_name_H-M   ? 
_symmetry.cell_setting                     ? 
_symmetry.Int_Tables_number                5 
_symmetry.space_group_name_Hall            ? 
# 
loop_
_entity.id 
_entity.type 
_entity.src_method 
_entity.pdbx_description 
_entity.formula_weight 
_entity.pdbx_number_of_molecules 
_entity.pdbx_ec 
_entity.pdbx_mutation 
_entity.pdbx_fragment 
_entity.details 
1 polymer     syn 
;DNA (5'-D(*CP*CP*GP*GP*TP*AP*(BRU)P*CP*GP*G)-3')
;
3125.874 1   ? ? ? ? 
2 polymer     syn 
;DNA (5'-D(*CP*CP*GP*AP*TP*AP*CP*CP*GP*G)-3')
;
3029.994 1   ? ? ? ? 
3 non-polymer syn 'SODIUM ION'                                       22.990   1   ? ? ? ? 
4 water       nat water                                              18.015   101 ? ? ? ? 
# 
loop_
_entity_poly.entity_id 
_entity_poly.type 
_entity_poly.nstd_linkage 
_entity_poly.nstd_monomer 
_entity_poly.pdbx_seq_one_letter_code 
_entity_poly.pdbx_seq_one_letter_code_can 
_entity_poly.pdbx_strand_id 
_entity_poly.pdbx_target_identifier 
1 polydeoxyribonucleotide no yes '(DC)(DC)(DG)(DG)(DT)(DA)(BRU)(DC)(DG)(DG)' CCGGTAUCGG A ? 
2 polydeoxyribonucleotide no no  '(DC)(DC)(DG)(DA)(DT)(DA)(DC)(DC)(DG)(DG)'  CCGATACCGG B ? 
# 
loop_
_entity_poly_seq.entity_id 
_entity_poly_seq.num 
_entity_poly_seq.mon_id 
_entity_poly_seq.hetero 
1 1  DC  n 
1 2  DC  n 
1 3  DG  n 
1 4  DG  n 
1 5  DT  n 
1 6  DA  n 
1 7  BRU n 
1 8  DC  n 
1 9  DG  n 
1 10 DG  n 
2 1  DC  n 
2 2  DC  n 
2 3  DG  n 
2 4  DA  n 
2 5  DT  n 
2 6  DA  n 
2 7  DC  n 
2 8  DC  n 
2 9  DG  n 
2 10 DG  n 
# 
_pdbx_entity_src_syn.entity_id              1 
_pdbx_entity_src_syn.pdbx_src_id            1 
_pdbx_entity_src_syn.pdbx_alt_source_flag   sample 
_pdbx_entity_src_syn.pdbx_beg_seq_num       ? 
_pdbx_entity_src_syn.pdbx_end_seq_num       ? 
_pdbx_entity_src_syn.organism_scientific    ? 
_pdbx_entity_src_syn.organism_common_name   ? 
_pdbx_entity_src_syn.ncbi_taxonomy_id       ? 
_pdbx_entity_src_syn.details                'Synthetically prepared decanucleotide sequences.' 
# 
loop_
_struct_ref.id 
_struct_ref.entity_id 
_struct_ref.db_name 
_struct_ref.db_code 
_struct_ref.pdbx_db_accession 
_struct_ref.pdbx_db_isoform 
_struct_ref.pdbx_seq_one_letter_code 
_struct_ref.pdbx_align_begin 
1 1 PDB 2ORF 2ORF ? ? ? 
2 2 PDB 2ORF 2ORF ? ? ? 
# 
loop_
_struct_ref_seq.align_id 
_struct_ref_seq.ref_id 
_struct_ref_seq.pdbx_PDB_id_code 
_struct_ref_seq.pdbx_strand_id 
_struct_ref_seq.seq_align_beg 
_struct_ref_seq.pdbx_seq_align_beg_ins_code 
_struct_ref_seq.seq_align_end 
_struct_ref_seq.pdbx_seq_align_end_ins_code 
_struct_ref_seq.pdbx_db_accession 
_struct_ref_seq.db_align_beg 
_struct_ref_seq.pdbx_db_align_beg_ins_code 
_struct_ref_seq.db_align_end 
_struct_ref_seq.pdbx_db_align_end_ins_code 
_struct_ref_seq.pdbx_auth_seq_align_beg 
_struct_ref_seq.pdbx_auth_seq_align_end 
1 1 2ORF A 1 ? 10 ? 2ORF 1  ? 10 ? 1  10 
2 2 2ORF B 1 ? 10 ? 2ORF 11 ? 20 ? 11 20 
# 
loop_
_chem_comp.id 
_chem_comp.type 
_chem_comp.mon_nstd_flag 
_chem_comp.name 
_chem_comp.pdbx_synonyms 
_chem_comp.formula 
_chem_comp.formula_weight 
BRU 'DNA linking' n "5-BROMO-2'-DEOXYURIDINE-5'-MONOPHOSPHATE" ? 'C9 H12 Br N2 O8 P' 387.078 
DA  'DNA linking' y "2'-DEOXYADENOSINE-5'-MONOPHOSPHATE"       ? 'C10 H14 N5 O6 P'   331.222 
DC  'DNA linking' y "2'-DEOXYCYTIDINE-5'-MONOPHOSPHATE"        ? 'C9 H14 N3 O7 P'    307.197 
DG  'DNA linking' y "2'-DEOXYGUANOSINE-5'-MONOPHOSPHATE"       ? 'C10 H14 N5 O7 P'   347.221 
DT  'DNA linking' y "THYMIDINE-5'-MONOPHOSPHATE"               ? 'C10 H15 N2 O8 P'   322.208 
HOH non-polymer   . WATER                                      ? 'H2 O'              18.015  
NA  non-polymer   . 'SODIUM ION'                               ? 'Na 1'              22.990  
# 
_exptl.entry_id          2ORF 
_exptl.method            'X-RAY DIFFRACTION' 
_exptl.crystals_number   1 
# 
_exptl_crystal.id                    1 
_exptl_crystal.density_meas          ? 
_exptl_crystal.density_Matthews      2.16 
_exptl_crystal.density_percent_sol   43.04 
_exptl_crystal.description           ? 
_exptl_crystal.F_000                 ? 
_exptl_crystal.preparation           ? 
# 
_exptl_crystal_grow.crystal_id      1 
_exptl_crystal_grow.method          'VAPOR DIFFUSION, SITTING DROP' 
_exptl_crystal_grow.temp            298 
_exptl_crystal_grow.temp_details    ? 
_exptl_crystal_grow.pH              7.0 
_exptl_crystal_grow.pdbx_details    
;25 mM sodium cacodylate, 10 mM calcium chloride, 1.0 mM spermine, and 0.35 mM of each DNA strand., pH 7.0, VAPOR DIFFUSION, SITTING DROP, temperature 298K
;
_exptl_crystal_grow.pdbx_pH_range   . 
# 
loop_
_exptl_crystal_grow_comp.crystal_id 
_exptl_crystal_grow_comp.id 
_exptl_crystal_grow_comp.sol_id 
_exptl_crystal_grow_comp.name 
_exptl_crystal_grow_comp.volume 
_exptl_crystal_grow_comp.conc 
_exptl_crystal_grow_comp.details 
1 1 1 'sodium cacodylate' ? ? ? 
1 2 1 'calcium chloride'  ? ? ? 
1 3 1 spermine            ? ? ? 
1 4 2 'sodium cacodylate' ? ? ? 
1 5 2 'calcium chloride'  ? ? ? 
1 6 2 spermine            ? ? ? 
# 
_diffrn.id                     1 
_diffrn.ambient_temp           133 
_diffrn.ambient_temp_details   ? 
_diffrn.crystal_id             1 
# 
_diffrn_detector.diffrn_id              1 
_diffrn_detector.detector               'IMAGE PLATE' 
_diffrn_detector.type                   'RIGAKU RAXIS IV' 
_diffrn_detector.pdbx_collection_date   2005-01-03 
_diffrn_detector.details                'Osmic mirrors' 
# 
_diffrn_radiation.diffrn_id                        1 
_diffrn_radiation.wavelength_id                    1 
_diffrn_radiation.pdbx_monochromatic_or_laue_m_l   M 
_diffrn_radiation.monochromator                    ? 
_diffrn_radiation.pdbx_diffrn_protocol             'SINGLE WAVELENGTH' 
_diffrn_radiation.pdbx_scattering_type             x-ray 
# 
_diffrn_radiation_wavelength.id           1 
_diffrn_radiation_wavelength.wavelength   1.5418 
_diffrn_radiation_wavelength.wt           1.0 
# 
_diffrn_source.diffrn_id                   1 
_diffrn_source.source                      'ROTATING ANODE' 
_diffrn_source.type                        RIGAKU 
_diffrn_source.pdbx_synchrotron_site       ? 
_diffrn_source.pdbx_synchrotron_beamline   ? 
_diffrn_source.pdbx_wavelength             ? 
_diffrn_source.pdbx_wavelength_list        1.5418 
# 
_reflns.entry_id                     2ORF 
_reflns.observed_criterion_sigma_I   ? 
_reflns.observed_criterion_sigma_F   ? 
_reflns.d_resolution_low             20.2 
_reflns.d_resolution_high            1.85 
_reflns.number_obs                   4350 
_reflns.number_all                   4850 
_reflns.percent_possible_obs         89.7 
_reflns.pdbx_Rmerge_I_obs            0.032 
_reflns.pdbx_Rsym_value              ? 
_reflns.pdbx_netI_over_sigmaI        ? 
_reflns.B_iso_Wilson_estimate        9.3 
_reflns.pdbx_redundancy              1.9 
_reflns.R_free_details               ? 
_reflns.pdbx_chi_squared             ? 
_reflns.pdbx_scaling_rejects         ? 
_reflns.pdbx_diffrn_id               1 
_reflns.pdbx_ordinal                 1 
# 
_reflns_shell.d_res_high             1.85 
_reflns_shell.d_res_low              1.92 
_reflns_shell.percent_possible_all   61.7 
_reflns_shell.Rmerge_I_obs           0.093 
_reflns_shell.pdbx_Rsym_value        ? 
_reflns_shell.meanI_over_sigI_obs    7.7 
_reflns_shell.pdbx_redundancy        1.8 
_reflns_shell.percent_possible_obs   ? 
_reflns_shell.number_unique_all      ? 
_reflns_shell.number_measured_all    ? 
_reflns_shell.number_measured_obs    ? 
_reflns_shell.number_unique_obs      ? 
_reflns_shell.pdbx_chi_squared       ? 
_reflns_shell.pdbx_diffrn_id         ? 
_reflns_shell.pdbx_ordinal           1 
# 
_refine.entry_id                                 2ORF 
_refine.ls_number_reflns_obs                     4247 
_refine.ls_number_reflns_all                     4850 
_refine.pdbx_ls_sigma_I                          ? 
_refine.pdbx_ls_sigma_F                          0.0 
_refine.pdbx_data_cutoff_high_absF               62751.60 
_refine.pdbx_data_cutoff_low_absF                0.000000 
_refine.pdbx_data_cutoff_high_rms_absF           ? 
_refine.ls_d_res_low                             20.16 
_refine.ls_d_res_high                            1.85 
_refine.ls_percent_reflns_obs                    87.6 
_refine.ls_R_factor_obs                          0.223 
_refine.ls_R_factor_all                          ? 
_refine.ls_R_factor_R_work                       0.223 
_refine.ls_R_factor_R_free                       0.249 
_refine.ls_R_factor_R_free_error                 0.012 
_refine.ls_R_factor_R_free_error_details         ? 
_refine.ls_percent_reflns_R_free                 10.4 
_refine.ls_number_reflns_R_free                  441 
_refine.ls_number_parameters                     ? 
_refine.ls_number_restraints                     ? 
_refine.occupancy_min                            ? 
_refine.occupancy_max                            ? 
_refine.correlation_coeff_Fo_to_Fc               ? 
_refine.correlation_coeff_Fo_to_Fc_free          ? 
_refine.B_iso_mean                               16.5 
_refine.aniso_B[1][1]                            -1.23 
_refine.aniso_B[2][2]                            7.27 
_refine.aniso_B[3][3]                            -6.05 
_refine.aniso_B[1][2]                            0.00 
_refine.aniso_B[1][3]                            -2.48 
_refine.aniso_B[2][3]                            0.00 
_refine.solvent_model_details                    'FLAT MODEL' 
_refine.solvent_model_param_ksol                 0.380974 
_refine.solvent_model_param_bsol                 139.416 
_refine.pdbx_solvent_vdw_probe_radii             ? 
_refine.pdbx_solvent_ion_probe_radii             ? 
_refine.pdbx_solvent_shrinkage_radii             ? 
_refine.pdbx_ls_cross_valid_method               THROUGHOUT 
_refine.details                                  ? 
_refine.pdbx_starting_model                      1P54 
_refine.pdbx_method_to_determine_struct          'MOLECULAR REPLACEMENT' 
_refine.pdbx_isotropic_thermal_model             RESTRAINED 
_refine.pdbx_stereochemistry_target_values       'Engh & Huber' 
_refine.pdbx_stereochem_target_val_spec_case     ? 
_refine.pdbx_R_Free_selection_details            RANDOM 
_refine.pdbx_overall_ESU_R                       ? 
_refine.pdbx_overall_ESU_R_Free                  ? 
_refine.overall_SU_ML                            ? 
_refine.overall_SU_B                             ? 
_refine.ls_redundancy_reflns_obs                 ? 
_refine.overall_SU_R_Cruickshank_DPI             ? 
_refine.overall_SU_R_free                        ? 
_refine.ls_wR_factor_R_free                      ? 
_refine.ls_wR_factor_R_work                      ? 
_refine.overall_FOM_free_R_set                   ? 
_refine.overall_FOM_work_R_set                   ? 
_refine.pdbx_refine_id                           'X-RAY DIFFRACTION' 
_refine.pdbx_diffrn_id                           1 
_refine.pdbx_TLS_residual_ADP_flag               ? 
_refine.pdbx_overall_phase_error                 ? 
_refine.pdbx_overall_SU_R_free_Cruickshank_DPI   ? 
_refine.pdbx_overall_SU_R_Blow_DPI               ? 
_refine.pdbx_overall_SU_R_free_Blow_DPI          ? 
# 
_refine_analyze.entry_id                        2ORF 
_refine_analyze.Luzzati_coordinate_error_obs    0.26 
_refine_analyze.Luzzati_sigma_a_obs             0.28 
_refine_analyze.Luzzati_d_res_low_obs           5.00 
_refine_analyze.Luzzati_coordinate_error_free   0.31 
_refine_analyze.Luzzati_sigma_a_free            0.35 
_refine_analyze.Luzzati_d_res_low_free          ? 
_refine_analyze.number_disordered_residues      ? 
_refine_analyze.occupancy_sum_hydrogen          ? 
_refine_analyze.occupancy_sum_non_hydrogen      ? 
_refine_analyze.pdbx_refine_id                  'X-RAY DIFFRACTION' 
# 
_refine_hist.pdbx_refine_id                   'X-RAY DIFFRACTION' 
_refine_hist.cycle_id                         LAST 
_refine_hist.pdbx_number_atoms_protein        0 
_refine_hist.pdbx_number_atoms_nucleic_acid   404 
_refine_hist.pdbx_number_atoms_ligand         1 
_refine_hist.number_atoms_solvent             101 
_refine_hist.number_atoms_total               506 
_refine_hist.d_res_high                       1.85 
_refine_hist.d_res_low                        20.16 
# 
loop_
_refine_ls_restr.type 
_refine_ls_restr.dev_ideal 
_refine_ls_restr.dev_ideal_target 
_refine_ls_restr.weight 
_refine_ls_restr.number 
_refine_ls_restr.pdbx_refine_id 
_refine_ls_restr.pdbx_restraint_function 
c_bond_d                0.010 ? ? ? 'X-RAY DIFFRACTION' ? 
c_bond_d_na             ?     ? ? ? 'X-RAY DIFFRACTION' ? 
c_bond_d_prot           ?     ? ? ? 'X-RAY DIFFRACTION' ? 
c_angle_d               ?     ? ? ? 'X-RAY DIFFRACTION' ? 
c_angle_d_na            ?     ? ? ? 'X-RAY DIFFRACTION' ? 
c_angle_d_prot          ?     ? ? ? 'X-RAY DIFFRACTION' ? 
c_angle_deg             1.5   ? ? ? 'X-RAY DIFFRACTION' ? 
c_angle_deg_na          ?     ? ? ? 'X-RAY DIFFRACTION' ? 
c_angle_deg_prot        ?     ? ? ? 'X-RAY DIFFRACTION' ? 
c_dihedral_angle_d      19.7  ? ? ? 'X-RAY DIFFRACTION' ? 
c_dihedral_angle_d_na   ?     ? ? ? 'X-RAY DIFFRACTION' ? 
c_dihedral_angle_d_prot ?     ? ? ? 'X-RAY DIFFRACTION' ? 
c_improper_angle_d      1.87  ? ? ? 'X-RAY DIFFRACTION' ? 
c_improper_angle_d_na   ?     ? ? ? 'X-RAY DIFFRACTION' ? 
c_improper_angle_d_prot ?     ? ? ? 'X-RAY DIFFRACTION' ? 
c_mcbond_it             ?     ? ? ? 'X-RAY DIFFRACTION' ? 
c_mcangle_it            ?     ? ? ? 'X-RAY DIFFRACTION' ? 
c_scbond_it             ?     ? ? ? 'X-RAY DIFFRACTION' ? 
c_scangle_it            ?     ? ? ? 'X-RAY DIFFRACTION' ? 
# 
_refine_ls_shell.pdbx_total_number_of_bins_used   6 
_refine_ls_shell.d_res_high                       1.85 
_refine_ls_shell.d_res_low                        1.97 
_refine_ls_shell.number_reflns_R_work             432 
_refine_ls_shell.R_factor_R_work                  0.302 
_refine_ls_shell.percent_reflns_obs               62.5 
_refine_ls_shell.R_factor_R_free                  0.342 
_refine_ls_shell.R_factor_R_free_error            0.043 
_refine_ls_shell.percent_reflns_R_free            12.7 
_refine_ls_shell.number_reflns_R_free             63 
_refine_ls_shell.number_reflns_all                ? 
_refine_ls_shell.R_factor_all                     ? 
_refine_ls_shell.redundancy_reflns_obs            ? 
_refine_ls_shell.number_reflns_obs                ? 
_refine_ls_shell.pdbx_refine_id                   'X-RAY DIFFRACTION' 
# 
loop_
_pdbx_xplor_file.serial_no 
_pdbx_xplor_file.param_file 
_pdbx_xplor_file.topol_file 
_pdbx_xplor_file.pdbx_refine_id 
1 dna-rna_rep.param dna-rna.top  'X-RAY DIFFRACTION' 
2 ion.param         dna-rna.link 'X-RAY DIFFRACTION' 
3 water_rep.param   water.top    'X-RAY DIFFRACTION' 
4 ?                 ion.top      'X-RAY DIFFRACTION' 
# 
_struct.entry_id                  2ORF 
_struct.title                     'Directing Macromolecular Conformation Through Halogen Bonds' 
_struct.pdbx_model_details        ? 
_struct.pdbx_CASP_flag            ? 
_struct.pdbx_model_type_details   ? 
# 
_struct_keywords.entry_id        2ORF 
_struct_keywords.pdbx_keywords   DNA 
_struct_keywords.text            'DNA Holliday Junction, Halogen Bond, DNA' 
# 
loop_
_struct_asym.id 
_struct_asym.pdbx_blank_PDB_chainid_flag 
_struct_asym.pdbx_modified 
_struct_asym.entity_id 
_struct_asym.details 
A N N 1 ? 
B N N 2 ? 
C N N 3 ? 
D N N 4 ? 
E N N 4 ? 
# 
_struct_biol.id                    1 
_struct_biol.details               
'The second half of the biological assembly (the Holliday junction) is generated by the two fold rotation: -x, y, -z+1' 
_struct_biol.pdbx_parent_biol_id   ? 
# 
loop_
_struct_conn.id 
_struct_conn.conn_type_id 
_struct_conn.pdbx_leaving_atom_flag 
_struct_conn.pdbx_PDB_id 
_struct_conn.ptnr1_label_asym_id 
_struct_conn.ptnr1_label_comp_id 
_struct_conn.ptnr1_label_seq_id 
_struct_conn.ptnr1_label_atom_id 
_struct_conn.pdbx_ptnr1_label_alt_id 
_struct_conn.pdbx_ptnr1_PDB_ins_code 
_struct_conn.pdbx_ptnr1_standard_comp_id 
_struct_conn.ptnr1_symmetry 
_struct_conn.ptnr2_label_asym_id 
_struct_conn.ptnr2_label_comp_id 
_struct_conn.ptnr2_label_seq_id 
_struct_conn.ptnr2_label_atom_id 
_struct_conn.pdbx_ptnr2_label_alt_id 
_struct_conn.pdbx_ptnr2_PDB_ins_code 
_struct_conn.ptnr1_auth_asym_id 
_struct_conn.ptnr1_auth_comp_id 
_struct_conn.ptnr1_auth_seq_id 
_struct_conn.ptnr2_auth_asym_id 
_struct_conn.ptnr2_auth_comp_id 
_struct_conn.ptnr2_auth_seq_id 
_struct_conn.ptnr2_symmetry 
_struct_conn.pdbx_ptnr3_label_atom_id 
_struct_conn.pdbx_ptnr3_label_seq_id 
_struct_conn.pdbx_ptnr3_label_comp_id 
_struct_conn.pdbx_ptnr3_label_asym_id 
_struct_conn.pdbx_ptnr3_label_alt_id 
_struct_conn.pdbx_ptnr3_PDB_ins_code 
_struct_conn.details 
_struct_conn.pdbx_dist_value 
_struct_conn.pdbx_value_order 
_struct_conn.pdbx_role 
covale1  covale both ? A DA  6 "O3'" ? ? ? 1_555 A BRU 7  P  ? ? A DA  6  A BRU 7  1_555 ? ? ? ? ? ? ?            1.612 ? ? 
covale2  covale both ? A BRU 7 "O3'" ? ? ? 1_555 A DC  8  P  ? ? A BRU 7  A DC  8  1_555 ? ? ? ? ? ? ?            1.595 ? ? 
metalc1  metalc ?    ? E HOH . O     ? ? ? 1_555 C NA  .  NA ? ? B HOH 21 B NA  25 1_555 ? ? ? ? ? ? ?            2.654 ? ? 
metalc2  metalc ?    ? E HOH . O     ? ? ? 1_555 C NA  .  NA ? ? B HOH 24 B NA  25 1_555 ? ? ? ? ? ? ?            2.325 ? ? 
metalc3  metalc ?    ? C NA  . NA    ? ? ? 1_555 E HOH .  O  ? ? B NA  25 B HOH 60 1_555 ? ? ? ? ? ? ?            2.135 ? ? 
metalc4  metalc ?    ? C NA  . NA    ? ? ? 1_555 E HOH .  O  ? ? B NA  25 B HOH 69 1_555 ? ? ? ? ? ? ?            2.762 ? ? 
hydrog1  hydrog ?    ? A DC  1 N3    ? ? ? 1_555 B DG  10 N1 ? ? A DC  1  B DG  20 1_555 ? ? ? ? ? ? WATSON-CRICK ?     ? ? 
hydrog2  hydrog ?    ? A DC  1 N4    ? ? ? 1_555 B DG  10 O6 ? ? A DC  1  B DG  20 1_555 ? ? ? ? ? ? WATSON-CRICK ?     ? ? 
hydrog3  hydrog ?    ? A DC  1 O2    ? ? ? 1_555 B DG  10 N2 ? ? A DC  1  B DG  20 1_555 ? ? ? ? ? ? WATSON-CRICK ?     ? ? 
hydrog4  hydrog ?    ? A DC  2 N3    ? ? ? 1_555 B DG  9  N1 ? ? A DC  2  B DG  19 1_555 ? ? ? ? ? ? WATSON-CRICK ?     ? ? 
hydrog5  hydrog ?    ? A DC  2 N4    ? ? ? 1_555 B DG  9  O6 ? ? A DC  2  B DG  19 1_555 ? ? ? ? ? ? WATSON-CRICK ?     ? ? 
hydrog6  hydrog ?    ? A DC  2 O2    ? ? ? 1_555 B DG  9  N2 ? ? A DC  2  B DG  19 1_555 ? ? ? ? ? ? WATSON-CRICK ?     ? ? 
hydrog7  hydrog ?    ? A DG  3 N1    ? ? ? 1_555 B DC  8  N3 ? ? A DG  3  B DC  18 1_555 ? ? ? ? ? ? WATSON-CRICK ?     ? ? 
hydrog8  hydrog ?    ? A DG  3 N2    ? ? ? 1_555 B DC  8  O2 ? ? A DG  3  B DC  18 1_555 ? ? ? ? ? ? WATSON-CRICK ?     ? ? 
hydrog9  hydrog ?    ? A DG  3 O6    ? ? ? 1_555 B DC  8  N4 ? ? A DG  3  B DC  18 1_555 ? ? ? ? ? ? WATSON-CRICK ?     ? ? 
hydrog10 hydrog ?    ? A DG  4 N1    ? ? ? 1_555 B DC  7  N3 ? ? A DG  4  B DC  17 1_555 ? ? ? ? ? ? WATSON-CRICK ?     ? ? 
hydrog11 hydrog ?    ? A DG  4 N2    ? ? ? 1_555 B DC  7  O2 ? ? A DG  4  B DC  17 1_555 ? ? ? ? ? ? WATSON-CRICK ?     ? ? 
hydrog12 hydrog ?    ? A DG  4 O6    ? ? ? 1_555 B DC  7  N4 ? ? A DG  4  B DC  17 1_555 ? ? ? ? ? ? WATSON-CRICK ?     ? ? 
hydrog13 hydrog ?    ? A DT  5 N3    ? ? ? 1_555 B DA  6  N1 ? ? A DT  5  B DA  16 1_555 ? ? ? ? ? ? WATSON-CRICK ?     ? ? 
hydrog14 hydrog ?    ? A DT  5 O4    ? ? ? 1_555 B DA  6  N6 ? ? A DT  5  B DA  16 1_555 ? ? ? ? ? ? WATSON-CRICK ?     ? ? 
hydrog15 hydrog ?    ? A DA  6 N1    ? ? ? 1_555 B DT  5  N3 ? ? A DA  6  B DT  15 1_555 ? ? ? ? ? ? WATSON-CRICK ?     ? ? 
hydrog16 hydrog ?    ? A DA  6 N6    ? ? ? 1_555 B DT  5  O4 ? ? A DA  6  B DT  15 1_555 ? ? ? ? ? ? WATSON-CRICK ?     ? ? 
# 
loop_
_struct_conn_type.id 
_struct_conn_type.criteria 
_struct_conn_type.reference 
covale ? ? 
metalc ? ? 
hydrog ? ? 
# 
_struct_site.id                   AC1 
_struct_site.pdbx_evidence_code   Software 
_struct_site.pdbx_auth_asym_id    B 
_struct_site.pdbx_auth_comp_id    NA 
_struct_site.pdbx_auth_seq_id     25 
_struct_site.pdbx_auth_ins_code   ? 
_struct_site.pdbx_num_residues    4 
_struct_site.details              'BINDING SITE FOR RESIDUE NA B 25' 
# 
loop_
_struct_site_gen.id 
_struct_site_gen.site_id 
_struct_site_gen.pdbx_num_res 
_struct_site_gen.label_comp_id 
_struct_site_gen.label_asym_id 
_struct_site_gen.label_seq_id 
_struct_site_gen.pdbx_auth_ins_code 
_struct_site_gen.auth_comp_id 
_struct_site_gen.auth_asym_id 
_struct_site_gen.auth_seq_id 
_struct_site_gen.label_atom_id 
_struct_site_gen.label_alt_id 
_struct_site_gen.symmetry 
_struct_site_gen.details 
1 AC1 4 HOH E . ? HOH B 21 . ? 1_555 ? 
2 AC1 4 HOH E . ? HOH B 24 . ? 1_555 ? 
3 AC1 4 HOH E . ? HOH B 60 . ? 1_555 ? 
4 AC1 4 HOH E . ? HOH B 69 . ? 1_555 ? 
# 
_atom_sites.entry_id                    2ORF 
_atom_sites.fract_transf_matrix[1][1]   -0.00178757 
_atom_sites.fract_transf_matrix[1][2]   0.01547903 
_atom_sites.fract_transf_matrix[1][3]   -0.00464305 
_atom_sites.fract_transf_matrix[2][1]   -0.00186579 
_atom_sites.fract_transf_matrix[2][2]   -0.01205421 
_atom_sites.fract_transf_matrix[2][3]   -0.03946810 
_atom_sites.fract_transf_matrix[3][1]   -0.02775622 
_atom_sites.fract_transf_matrix[3][2]   0.00733856 
_atom_sites.fract_transf_matrix[3][3]   -0.00092919 
_atom_sites.fract_transf_vector[1]      0.054139 
_atom_sites.fract_transf_vector[2]      0.537466 
_atom_sites.fract_transf_vector[3]      0.371492 
# 
loop_
_atom_type.symbol 
BR 
C  
N  
NA 
O  
P  
# 
loop_
_atom_site.group_PDB 
_atom_site.id 
_atom_site.type_symbol 
_atom_site.label_atom_id 
_atom_site.label_alt_id 
_atom_site.label_comp_id 
_atom_site.label_asym_id 
_atom_site.label_entity_id 
_atom_site.label_seq_id 
_atom_site.pdbx_PDB_ins_code 
_atom_site.Cartn_x 
_atom_site.Cartn_y 
_atom_site.Cartn_z 
_atom_site.occupancy 
_atom_site.B_iso_or_equiv 
_atom_site.pdbx_formal_charge 
_atom_site.auth_seq_id 
_atom_site.auth_comp_id 
_atom_site.auth_asym_id 
_atom_site.auth_atom_id 
_atom_site.pdbx_PDB_model_num 
ATOM   1   O  "O5'" . DC  A 1 1  ? 14.056  9.126   0.499   1.00 18.38 ? 1   DC  A "O5'" 1 
ATOM   2   C  "C5'" . DC  A 1 1  ? 14.707  10.236  1.066   1.00 18.69 ? 1   DC  A "C5'" 1 
ATOM   3   C  "C4'" . DC  A 1 1  ? 13.794  11.055  1.947   1.00 18.94 ? 1   DC  A "C4'" 1 
ATOM   4   O  "O4'" . DC  A 1 1  ? 12.763  11.695  1.153   1.00 18.99 ? 1   DC  A "O4'" 1 
ATOM   5   C  "C3'" . DC  A 1 1  ? 13.069  10.260  3.043   1.00 19.11 ? 1   DC  A "C3'" 1 
ATOM   6   O  "O3'" . DC  A 1 1  ? 13.019  11.044  4.238   1.00 19.41 ? 1   DC  A "O3'" 1 
ATOM   7   C  "C2'" . DC  A 1 1  ? 11.666  10.096  2.484   1.00 19.13 ? 1   DC  A "C2'" 1 
ATOM   8   C  "C1'" . DC  A 1 1  ? 11.503  11.410  1.751   1.00 19.04 ? 1   DC  A "C1'" 1 
ATOM   9   N  N1    . DC  A 1 1  ? 10.463  11.492  0.718   1.00 19.10 ? 1   DC  A N1    1 
ATOM   10  C  C2    . DC  A 1 1  ? 9.179   11.886  1.095   1.00 19.08 ? 1   DC  A C2    1 
ATOM   11  O  O2    . DC  A 1 1  ? 8.937   12.029  2.286   1.00 19.03 ? 1   DC  A O2    1 
ATOM   12  N  N3    . DC  A 1 1  ? 8.237   12.097  0.141   1.00 19.17 ? 1   DC  A N3    1 
ATOM   13  C  C4    . DC  A 1 1  ? 8.542   11.899  -1.138  1.00 19.13 ? 1   DC  A C4    1 
ATOM   14  N  N4    . DC  A 1 1  ? 7.609   12.166  -2.059  1.00 19.20 ? 1   DC  A N4    1 
ATOM   15  C  C5    . DC  A 1 1  ? 9.823   11.427  -1.537  1.00 19.18 ? 1   DC  A C5    1 
ATOM   16  C  C6    . DC  A 1 1  ? 10.744  11.240  -0.588  1.00 19.09 ? 1   DC  A C6    1 
ATOM   17  P  P     . DC  A 1 2  ? 13.732  10.521  5.574   1.00 19.65 ? 2   DC  A P     1 
ATOM   18  O  OP1   . DC  A 1 2  ? 13.514  11.589  6.564   1.00 19.81 ? 2   DC  A OP1   1 
ATOM   19  O  OP2   . DC  A 1 2  ? 15.114  10.084  5.295   1.00 19.88 ? 2   DC  A OP2   1 
ATOM   20  O  "O5'" . DC  A 1 2  ? 12.850  9.246   5.979   1.00 19.89 ? 2   DC  A "O5'" 1 
ATOM   21  C  "C5'" . DC  A 1 2  ? 11.565  9.441   6.599   1.00 19.92 ? 2   DC  A "C5'" 1 
ATOM   22  C  "C4'" . DC  A 1 2  ? 10.637  8.258   6.398   1.00 19.94 ? 2   DC  A "C4'" 1 
ATOM   23  O  "O4'" . DC  A 1 2  ? 10.020  8.206   5.086   1.00 19.77 ? 2   DC  A "O4'" 1 
ATOM   24  C  "C3'" . DC  A 1 2  ? 11.129  6.846   6.700   1.00 20.08 ? 2   DC  A "C3'" 1 
ATOM   25  O  "O3'" . DC  A 1 2  ? 10.104  6.184   7.467   1.00 20.41 ? 2   DC  A "O3'" 1 
ATOM   26  C  "C2'" . DC  A 1 2  ? 11.213  6.216   5.311   1.00 19.98 ? 2   DC  A "C2'" 1 
ATOM   27  C  "C1'" . DC  A 1 2  ? 10.043  6.878   4.594   1.00 19.76 ? 2   DC  A "C1'" 1 
ATOM   28  N  N1    . DC  A 1 2  ? 10.098  6.951   3.120   1.00 19.61 ? 2   DC  A N1    1 
ATOM   29  C  C2    . DC  A 1 2  ? 8.957   7.379   2.437   1.00 19.54 ? 2   DC  A C2    1 
ATOM   30  O  O2    . DC  A 1 2  ? 7.941   7.628   3.082   1.00 19.47 ? 2   DC  A O2    1 
ATOM   31  N  N3    . DC  A 1 2  ? 8.999   7.507   1.089   1.00 19.50 ? 2   DC  A N3    1 
ATOM   32  C  C4    . DC  A 1 2  ? 10.118  7.213   0.431   1.00 19.52 ? 2   DC  A C4    1 
ATOM   33  N  N4    . DC  A 1 2  ? 10.123  7.368   -0.879  1.00 19.53 ? 2   DC  A N4    1 
ATOM   34  C  C5    . DC  A 1 2  ? 11.287  6.749   1.098   1.00 19.51 ? 2   DC  A C5    1 
ATOM   35  C  C6    . DC  A 1 2  ? 11.232  6.633   2.429   1.00 19.55 ? 2   DC  A C6    1 
ATOM   36  P  P     . DG  A 1 3  ? 10.422  5.671   8.961   1.00 20.60 ? 3   DG  A P     1 
ATOM   37  O  OP1   . DG  A 1 3  ? 10.684  6.893   9.784   1.00 20.66 ? 3   DG  A OP1   1 
ATOM   38  O  OP2   . DG  A 1 3  ? 11.451  4.606   8.851   1.00 20.55 ? 3   DG  A OP2   1 
ATOM   39  O  "O5'" . DG  A 1 3  ? 9.060   5.057   9.484   1.00 20.56 ? 3   DG  A "O5'" 1 
ATOM   40  C  "C5'" . DG  A 1 3  ? 7.880   5.843   9.559   1.00 20.71 ? 3   DG  A "C5'" 1 
ATOM   41  C  "C4'" . DG  A 1 3  ? 6.737   5.050   8.975   1.00 20.77 ? 3   DG  A "C4'" 1 
ATOM   42  O  "O4'" . DG  A 1 3  ? 6.839   5.038   7.526   1.00 20.71 ? 3   DG  A "O4'" 1 
ATOM   43  C  "C3'" . DG  A 1 3  ? 6.834   3.588   9.404   1.00 20.73 ? 3   DG  A "C3'" 1 
ATOM   44  O  "O3'" . DG  A 1 3  ? 5.525   3.079   9.476   1.00 20.82 ? 3   DG  A "O3'" 1 
ATOM   45  C  "C2'" . DG  A 1 3  ? 7.565   2.945   8.234   1.00 20.65 ? 3   DG  A "C2'" 1 
ATOM   46  C  "C1'" . DG  A 1 3  ? 6.940   3.696   7.078   1.00 20.63 ? 3   DG  A "C1'" 1 
ATOM   47  N  N9    . DG  A 1 3  ? 7.652   3.672   5.798   1.00 20.59 ? 3   DG  A N9    1 
ATOM   48  C  C8    . DG  A 1 3  ? 8.875   3.103   5.559   1.00 20.52 ? 3   DG  A C8    1 
ATOM   49  N  N7    . DG  A 1 3  ? 9.240   3.167   4.306   1.00 20.50 ? 3   DG  A N7    1 
ATOM   50  C  C5    . DG  A 1 3  ? 8.207   3.850   3.671   1.00 20.48 ? 3   DG  A C5    1 
ATOM   51  C  C6    . DG  A 1 3  ? 8.069   4.243   2.318   1.00 20.40 ? 3   DG  A C6    1 
ATOM   52  O  O6    . DG  A 1 3  ? 8.861   4.099   1.394   1.00 20.38 ? 3   DG  A O6    1 
ATOM   53  N  N1    . DG  A 1 3  ? 6.869   4.896   2.095   1.00 20.39 ? 3   DG  A N1    1 
ATOM   54  C  C2    . DG  A 1 3  ? 5.935   5.183   3.051   1.00 20.48 ? 3   DG  A C2    1 
ATOM   55  N  N2    . DG  A 1 3  ? 4.847   5.846   2.619   1.00 20.47 ? 3   DG  A N2    1 
ATOM   56  N  N3    . DG  A 1 3  ? 6.058   4.849   4.331   1.00 20.51 ? 3   DG  A N3    1 
ATOM   57  C  C4    . DG  A 1 3  ? 7.215   4.180   4.570   1.00 20.52 ? 3   DG  A C4    1 
ATOM   58  P  P     . DG  A 1 4  ? 4.908   2.609   10.883  1.00 20.98 ? 4   DG  A P     1 
ATOM   59  O  OP1   . DG  A 1 4  ? 5.274   3.647   11.880  1.00 20.86 ? 4   DG  A OP1   1 
ATOM   60  O  OP2   . DG  A 1 4  ? 5.296   1.188   11.135  1.00 20.81 ? 4   DG  A OP2   1 
ATOM   61  O  "O5'" . DG  A 1 4  ? 3.351   2.704   10.556  1.00 20.66 ? 4   DG  A "O5'" 1 
ATOM   62  C  "C5'" . DG  A 1 4  ? 2.735   3.992   10.403  1.00 20.37 ? 4   DG  A "C5'" 1 
ATOM   63  C  "C4'" . DG  A 1 4  ? 1.768   4.033   9.236   1.00 20.07 ? 4   DG  A "C4'" 1 
ATOM   64  O  "O4'" . DG  A 1 4  ? 2.457   3.980   7.974   1.00 20.09 ? 4   DG  A "O4'" 1 
ATOM   65  C  "C3'" . DG  A 1 4  ? 0.634   3.013   9.143   1.00 19.85 ? 4   DG  A "C3'" 1 
ATOM   66  O  "O3'" . DG  A 1 4  ? -0.525  3.709   8.684   1.00 19.39 ? 4   DG  A "O3'" 1 
ATOM   67  C  "C2'" . DG  A 1 4  ? 1.132   2.039   8.091   1.00 19.96 ? 4   DG  A "C2'" 1 
ATOM   68  C  "C1'" . DG  A 1 4  ? 1.968   2.919   7.177   1.00 20.05 ? 4   DG  A "C1'" 1 
ATOM   69  N  N9    . DG  A 1 4  ? 3.129   2.244   6.612   1.00 20.18 ? 4   DG  A N9    1 
ATOM   70  C  C8    . DG  A 1 4  ? 4.038   1.473   7.295   1.00 20.21 ? 4   DG  A C8    1 
ATOM   71  N  N7    . DG  A 1 4  ? 4.972   0.988   6.528   1.00 20.23 ? 4   DG  A N7    1 
ATOM   72  C  C5    . DG  A 1 4  ? 4.668   1.477   5.266   1.00 20.18 ? 4   DG  A C5    1 
ATOM   73  C  C6    . DG  A 1 4  ? 5.329   1.283   4.029   1.00 20.20 ? 4   DG  A C6    1 
ATOM   74  O  O6    . DG  A 1 4  ? 6.365   0.657   3.806   1.00 20.23 ? 4   DG  A O6    1 
ATOM   75  N  N1    . DG  A 1 4  ? 4.661   1.915   2.990   1.00 20.19 ? 4   DG  A N1    1 
ATOM   76  C  C2    . DG  A 1 4  ? 3.511   2.645   3.126   1.00 20.18 ? 4   DG  A C2    1 
ATOM   77  N  N2    . DG  A 1 4  ? 2.996   3.135   1.994   1.00 20.29 ? 4   DG  A N2    1 
ATOM   78  N  N3    . DG  A 1 4  ? 2.906   2.865   4.278   1.00 20.16 ? 4   DG  A N3    1 
ATOM   79  C  C4    . DG  A 1 4  ? 3.532   2.249   5.299   1.00 20.16 ? 4   DG  A C4    1 
ATOM   80  P  P     . DT  A 1 5  ? -1.919  2.929   8.466   1.00 19.11 ? 5   DT  A P     1 
ATOM   81  O  OP1   . DT  A 1 5  ? -2.985  3.939   8.161   1.00 19.10 ? 5   DT  A OP1   1 
ATOM   82  O  OP2   . DT  A 1 5  ? -2.140  1.930   9.544   1.00 19.10 ? 5   DT  A OP2   1 
ATOM   83  O  "O5'" . DT  A 1 5  ? -1.715  2.150   7.104   1.00 18.45 ? 5   DT  A "O5'" 1 
ATOM   84  C  "C5'" . DT  A 1 5  ? -1.740  2.859   5.883   1.00 17.59 ? 5   DT  A "C5'" 1 
ATOM   85  C  "C4'" . DT  A 1 5  ? -1.492  1.904   4.750   1.00 16.91 ? 5   DT  A "C4'" 1 
ATOM   86  O  "O4'" . DT  A 1 5  ? -0.162  1.344   4.899   1.00 16.82 ? 5   DT  A "O4'" 1 
ATOM   87  C  "C3'" . DT  A 1 5  ? -2.462  0.713   4.717   1.00 16.46 ? 5   DT  A "C3'" 1 
ATOM   88  O  "O3'" . DT  A 1 5  ? -3.019  0.614   3.395   1.00 15.55 ? 5   DT  A "O3'" 1 
ATOM   89  C  "C2'" . DT  A 1 5  ? -1.586  -0.487  5.078   1.00 16.57 ? 5   DT  A "C2'" 1 
ATOM   90  C  "C1'" . DT  A 1 5  ? -0.242  -0.011  4.539   1.00 16.79 ? 5   DT  A "C1'" 1 
ATOM   91  N  N1    . DT  A 1 5  ? 1.040   -0.679  4.876   1.00 16.82 ? 5   DT  A N1    1 
ATOM   92  C  C2    . DT  A 1 5  ? 1.942   -0.767  3.826   1.00 16.79 ? 5   DT  A C2    1 
ATOM   93  O  O2    . DT  A 1 5  ? 1.708   -0.323  2.719   1.00 16.79 ? 5   DT  A O2    1 
ATOM   94  N  N3    . DT  A 1 5  ? 3.135   -1.384  4.127   1.00 16.82 ? 5   DT  A N3    1 
ATOM   95  C  C4    . DT  A 1 5  ? 3.518   -1.896  5.337   1.00 16.81 ? 5   DT  A C4    1 
ATOM   96  O  O4    . DT  A 1 5  ? 4.631   -2.387  5.460   1.00 16.75 ? 5   DT  A O4    1 
ATOM   97  C  C5    . DT  A 1 5  ? 2.524   -1.783  6.397   1.00 16.82 ? 5   DT  A C5    1 
ATOM   98  C  C7    . DT  A 1 5  ? 2.852   -2.351  7.748   1.00 16.77 ? 5   DT  A C7    1 
ATOM   99  C  C6    . DT  A 1 5  ? 1.348   -1.179  6.113   1.00 16.76 ? 5   DT  A C6    1 
ATOM   100 P  P     . DA  A 1 6  ? -4.616  0.464   3.193   1.00 14.79 ? 6   DA  A P     1 
ATOM   101 O  OP1   . DA  A 1 6  ? -5.122  1.816   2.924   1.00 14.77 ? 6   DA  A OP1   1 
ATOM   102 O  OP2   . DA  A 1 6  ? -5.222  -0.348  4.270   1.00 14.45 ? 6   DA  A OP2   1 
ATOM   103 O  "O5'" . DA  A 1 6  ? -4.710  -0.356  1.829   1.00 14.26 ? 6   DA  A "O5'" 1 
ATOM   104 C  "C5'" . DA  A 1 6  ? -4.246  0.227   0.614   1.00 13.57 ? 6   DA  A "C5'" 1 
ATOM   105 C  "C4'" . DA  A 1 6  ? -3.654  -0.808  -0.306  1.00 13.03 ? 6   DA  A "C4'" 1 
ATOM   106 O  "O4'" . DA  A 1 6  ? -2.445  -1.342  0.288   1.00 12.93 ? 6   DA  A "O4'" 1 
ATOM   107 C  "C3'" . DA  A 1 6  ? -4.568  -2.004  -0.574  1.00 12.96 ? 6   DA  A "C3'" 1 
ATOM   108 O  "O3'" . DA  A 1 6  ? -4.468  -2.453  -1.951  1.00 12.81 ? 6   DA  A "O3'" 1 
ATOM   109 C  "C2'" . DA  A 1 6  ? -4.041  -3.038  0.409   1.00 12.75 ? 6   DA  A "C2'" 1 
ATOM   110 C  "C1'" . DA  A 1 6  ? -2.553  -2.747  0.401   1.00 12.56 ? 6   DA  A "C1'" 1 
ATOM   111 N  N9    . DA  A 1 6  ? -1.783  -3.197  1.576   1.00 12.39 ? 6   DA  A N9    1 
ATOM   112 C  C8    . DA  A 1 6  ? -2.195  -3.330  2.888   1.00 12.36 ? 6   DA  A C8    1 
ATOM   113 N  N7    . DA  A 1 6  ? -1.259  -3.788  3.696   1.00 12.27 ? 6   DA  A N7    1 
ATOM   114 C  C5    . DA  A 1 6  ? -0.156  -3.949  2.869   1.00 12.25 ? 6   DA  A C5    1 
ATOM   115 C  C6    . DA  A 1 6  ? 1.153   -4.387  3.121   1.00 12.20 ? 6   DA  A C6    1 
ATOM   116 N  N6    . DA  A 1 6  ? 1.594   -4.768  4.337   1.00 12.16 ? 6   DA  A N6    1 
ATOM   117 N  N1    . DA  A 1 6  ? 2.008   -4.437  2.075   1.00 12.06 ? 6   DA  A N1    1 
ATOM   118 C  C2    . DA  A 1 6  ? 1.562   -4.086  0.864   1.00 12.16 ? 6   DA  A C2    1 
ATOM   119 N  N3    . DA  A 1 6  ? 0.353   -3.662  0.493   1.00 12.13 ? 6   DA  A N3    1 
ATOM   120 C  C4    . DA  A 1 6  ? -0.467  -3.600  1.559   1.00 12.27 ? 6   DA  A C4    1 
HETATM 121 N  N1    . BRU A 1 7  ? -10.221 -1.892  -0.923  1.00 13.26 ? 7   BRU A N1    1 
HETATM 122 C  C2    . BRU A 1 7  ? -11.436 -1.289  -0.668  1.00 13.23 ? 7   BRU A C2    1 
HETATM 123 N  N3    . BRU A 1 7  ? -11.410 -0.311  0.290   1.00 13.28 ? 7   BRU A N3    1 
HETATM 124 C  C4    . BRU A 1 7  ? -10.339 0.121   1.006   1.00 13.32 ? 7   BRU A C4    1 
HETATM 125 C  C5    . BRU A 1 7  ? -9.123  -0.509  0.687   1.00 13.43 ? 7   BRU A C5    1 
HETATM 126 C  C6    . BRU A 1 7  ? -9.090  -1.476  -0.251  1.00 13.40 ? 7   BRU A C6    1 
HETATM 127 O  O2    . BRU A 1 7  ? -12.462 -1.594  -1.240  1.00 13.22 ? 7   BRU A O2    1 
HETATM 128 O  O4    . BRU A 1 7  ? -10.498 0.927   1.901   1.00 13.26 ? 7   BRU A O4    1 
HETATM 129 BR BR    . BRU A 1 7  ? -7.700  0.114   1.652   0.41 14.15 ? 7   BRU A BR    1 
HETATM 130 C  "C1'" . BRU A 1 7  ? -10.201 -2.987  -1.910  1.00 13.09 ? 7   BRU A "C1'" 1 
HETATM 131 C  "C2'" . BRU A 1 7  ? -10.079 -2.512  -3.347  1.00 13.12 ? 7   BRU A "C2'" 1 
HETATM 132 C  "C3'" . BRU A 1 7  ? -9.381  -3.684  -4.018  1.00 12.98 ? 7   BRU A "C3'" 1 
HETATM 133 C  "C4'" . BRU A 1 7  ? -8.502  -4.279  -2.919  1.00 12.97 ? 7   BRU A "C4'" 1 
HETATM 134 O  "O3'" . BRU A 1 7  ? -10.326 -4.662  -4.465  1.00 12.91 ? 7   BRU A "O3'" 1 
HETATM 135 O  "O4'" . BRU A 1 7  ? -9.048  -3.797  -1.669  1.00 13.09 ? 7   BRU A "O4'" 1 
HETATM 136 C  "C5'" . BRU A 1 7  ? -7.034  -3.928  -3.023  1.00 12.99 ? 7   BRU A "C5'" 1 
HETATM 137 O  "O5'" . BRU A 1 7  ? -6.847  -2.544  -2.790  1.00 12.71 ? 7   BRU A "O5'" 1 
HETATM 138 P  P     . BRU A 1 7  ? -5.457  -1.834  -3.062  1.00 13.12 ? 7   BRU A P     1 
HETATM 139 O  OP1   . BRU A 1 7  ? -5.053  -2.185  -4.445  1.00 12.77 ? 7   BRU A OP1   1 
HETATM 140 O  OP2   . BRU A 1 7  ? -5.579  -0.429  -2.689  1.00 12.75 ? 7   BRU A OP2   1 
ATOM   141 P  P     . DC  A 1 8  ? -10.457 -4.951  -6.028  1.00 12.66 ? 8   DC  A P     1 
ATOM   142 O  OP1   . DC  A 1 8  ? -11.478 -5.998  -6.153  1.00 12.88 ? 8   DC  A OP1   1 
ATOM   143 O  OP2   . DC  A 1 8  ? -9.136  -5.152  -6.582  1.00 12.71 ? 8   DC  A OP2   1 
ATOM   144 O  "O5'" . DC  A 1 8  ? -10.965 -3.566  -6.623  1.00 12.95 ? 8   DC  A "O5'" 1 
ATOM   145 C  "C5'" . DC  A 1 8  ? -12.351 -3.298  -6.730  1.00 13.27 ? 8   DC  A "C5'" 1 
ATOM   146 C  "C4'" . DC  A 1 8  ? -12.586 -1.855  -7.117  1.00 13.40 ? 8   DC  A "C4'" 1 
ATOM   147 O  "O4'" . DC  A 1 8  ? -12.187 -1.003  -6.022  1.00 13.35 ? 8   DC  A "O4'" 1 
ATOM   148 C  "C3'" . DC  A 1 8  ? -11.821 -1.372  -8.354  1.00 13.37 ? 8   DC  A "C3'" 1 
ATOM   149 O  "O3'" . DC  A 1 8  ? -12.691 -0.621  -9.233  1.00 13.55 ? 8   DC  A "O3'" 1 
ATOM   150 C  "C2'" . DC  A 1 8  ? -10.732 -0.491  -7.774  1.00 13.51 ? 8   DC  A "C2'" 1 
ATOM   151 C  "C1'" . DC  A 1 8  ? -11.384 0.039   -6.508  1.00 13.46 ? 8   DC  A "C1'" 1 
ATOM   152 N  N1    . DC  A 1 8  ? -10.456 0.412   -5.439  1.00 13.43 ? 8   DC  A N1    1 
ATOM   153 C  C2    . DC  A 1 8  ? -10.840 1.398   -4.536  1.00 13.45 ? 8   DC  A C2    1 
ATOM   154 O  O2    . DC  A 1 8  ? -11.919 1.976   -4.713  1.00 13.63 ? 8   DC  A O2    1 
ATOM   155 N  N3    . DC  A 1 8  ? -10.013 1.723   -3.517  1.00 13.53 ? 8   DC  A N3    1 
ATOM   156 C  C4    . DC  A 1 8  ? -8.825  1.125   -3.422  1.00 13.41 ? 8   DC  A C4    1 
ATOM   157 N  N4    . DC  A 1 8  ? -8.048  1.449   -2.417  1.00 13.45 ? 8   DC  A N4    1 
ATOM   158 C  C5    . DC  A 1 8  ? -8.394  0.159   -4.359  1.00 13.39 ? 8   DC  A C5    1 
ATOM   159 C  C6    . DC  A 1 8  ? -9.237  -0.180  -5.333  1.00 13.42 ? 8   DC  A C6    1 
ATOM   160 P  P     . DG  A 1 9  ? -13.623 -1.405  -10.307 1.00 13.27 ? 9   DG  A P     1 
ATOM   161 O  OP1   . DG  A 1 9  ? -14.505 -2.340  -9.569  1.00 13.43 ? 9   DG  A OP1   1 
ATOM   162 O  OP2   . DG  A 1 9  ? -12.848 -1.885  -11.445 1.00 13.52 ? 9   DG  A OP2   1 
ATOM   163 O  "O5'" . DG  A 1 9  ? -14.644 -0.296  -10.810 1.00 13.49 ? 9   DG  A "O5'" 1 
ATOM   164 C  "C5'" . DG  A 1 9  ? -15.840 -0.035  -10.072 1.00 13.20 ? 9   DG  A "C5'" 1 
ATOM   165 C  "C4'" . DG  A 1 9  ? -15.968 1.445   -9.815  1.00 13.21 ? 9   DG  A "C4'" 1 
ATOM   166 O  "O4'" . DG  A 1 9  ? -14.865 1.900   -9.007  1.00 13.04 ? 9   DG  A "O4'" 1 
ATOM   167 C  "C3'" . DG  A 1 9  ? -15.928 2.293   -11.092 1.00 13.21 ? 9   DG  A "C3'" 1 
ATOM   168 O  "O3'" . DG  A 1 9  ? -16.756 3.448   -10.908 1.00 13.19 ? 9   DG  A "O3'" 1 
ATOM   169 C  "C2'" . DG  A 1 9  ? -14.489 2.759   -11.144 1.00 13.09 ? 9   DG  A "C2'" 1 
ATOM   170 C  "C1'" . DG  A 1 9  ? -14.248 3.001   -9.675  1.00 12.98 ? 9   DG  A "C1'" 1 
ATOM   171 N  N9    . DG  A 1 9  ? -12.856 3.055   -9.266  1.00 12.97 ? 9   DG  A N9    1 
ATOM   172 C  C8    . DG  A 1 9  ? -11.765 2.449   -9.851  1.00 12.94 ? 9   DG  A C8    1 
ATOM   173 N  N7    . DG  A 1 9  ? -10.659 2.631   -9.178  1.00 13.01 ? 9   DG  A N7    1 
ATOM   174 C  C5    . DG  A 1 9  ? -11.042 3.423   -8.096  1.00 12.91 ? 9   DG  A C5    1 
ATOM   175 C  C6    . DG  A 1 9  ? -10.294 3.915   -7.011  1.00 12.87 ? 9   DG  A C6    1 
ATOM   176 O  O6    . DG  A 1 9  ? -9.113  3.726   -6.757  1.00 12.95 ? 9   DG  A O6    1 
ATOM   177 N  N1    . DG  A 1 9  ? -11.076 4.687   -6.152  1.00 12.83 ? 9   DG  A N1    1 
ATOM   178 C  C2    . DG  A 1 9  ? -12.427 4.928   -6.309  1.00 12.74 ? 9   DG  A C2    1 
ATOM   179 N  N2    . DG  A 1 9  ? -13.016 5.653   -5.369  1.00 12.72 ? 9   DG  A N2    1 
ATOM   180 N  N3    . DG  A 1 9  ? -13.141 4.471   -7.318  1.00 12.83 ? 9   DG  A N3    1 
ATOM   181 C  C4    . DG  A 1 9  ? -12.389 3.721   -8.163  1.00 12.97 ? 9   DG  A C4    1 
ATOM   182 P  P     . DG  A 1 10 ? -18.233 3.481   -11.522 1.00 13.18 ? 10  DG  A P     1 
ATOM   183 O  OP1   . DG  A 1 10 ? -19.166 2.745   -10.622 1.00 13.24 ? 10  DG  A OP1   1 
ATOM   184 O  OP2   . DG  A 1 10 ? -18.061 3.036   -12.929 1.00 13.11 ? 10  DG  A OP2   1 
ATOM   185 O  "O5'" . DG  A 1 10 ? -18.617 5.036   -11.406 1.00 12.88 ? 10  DG  A "O5'" 1 
ATOM   186 C  "C5'" . DG  A 1 10 ? -19.460 5.463   -10.347 1.00 12.46 ? 10  DG  A "C5'" 1 
ATOM   187 C  "C4'" . DG  A 1 10 ? -18.888 6.666   -9.641  1.00 12.38 ? 10  DG  A "C4'" 1 
ATOM   188 O  "O4'" . DG  A 1 10 ? -17.522 6.447   -9.249  1.00 11.94 ? 10  DG  A "O4'" 1 
ATOM   189 C  "C3'" . DG  A 1 10 ? -18.885 7.943   -10.472 1.00 12.16 ? 10  DG  A "C3'" 1 
ATOM   190 O  "O3'" . DG  A 1 10 ? -19.049 8.958   -9.526  1.00 12.24 ? 10  DG  A "O3'" 1 
ATOM   191 C  "C2'" . DG  A 1 10 ? -17.462 8.032   -10.980 1.00 12.21 ? 10  DG  A "C2'" 1 
ATOM   192 C  "C1'" . DG  A 1 10 ? -16.687 7.447   -9.824  1.00 12.11 ? 10  DG  A "C1'" 1 
ATOM   193 N  N9    . DG  A 1 10 ? -15.430 6.820   -10.225 1.00 12.10 ? 10  DG  A N9    1 
ATOM   194 C  C8    . DG  A 1 10 ? -15.231 5.964   -11.278 1.00 12.14 ? 10  DG  A C8    1 
ATOM   195 N  N7    . DG  A 1 10 ? -13.984 5.593   -11.410 1.00 12.07 ? 10  DG  A N7    1 
ATOM   196 C  C5    . DG  A 1 10 ? -13.321 6.230   -10.374 1.00 12.05 ? 10  DG  A C5    1 
ATOM   197 C  C6    . DG  A 1 10 ? -11.925 6.214   -9.995  1.00 11.91 ? 10  DG  A C6    1 
ATOM   198 O  O6    . DG  A 1 10 ? -10.977 5.643   -10.534 1.00 11.86 ? 10  DG  A O6    1 
ATOM   199 N  N1    . DG  A 1 10 ? -11.699 6.981   -8.865  1.00 11.97 ? 10  DG  A N1    1 
ATOM   200 C  C2    . DG  A 1 10 ? -12.653 7.698   -8.187  1.00 11.91 ? 10  DG  A C2    1 
ATOM   201 N  N2    . DG  A 1 10 ? -12.220 8.370   -7.104  1.00 11.86 ? 10  DG  A N2    1 
ATOM   202 N  N3    . DG  A 1 10 ? -13.934 7.748   -8.535  1.00 11.97 ? 10  DG  A N3    1 
ATOM   203 C  C4    . DG  A 1 10 ? -14.197 6.988   -9.627  1.00 12.00 ? 10  DG  A C4    1 
ATOM   204 O  "O5'" . DC  B 2 1  ? -6.526  -15.135 3.361   1.00 16.82 ? 11  DC  B "O5'" 1 
ATOM   205 C  "C5'" . DC  B 2 1  ? -6.711  -16.023 4.476   1.00 16.73 ? 11  DC  B "C5'" 1 
ATOM   206 C  "C4'" . DC  B 2 1  ? -5.632  -17.082 4.526   1.00 16.66 ? 11  DC  B "C4'" 1 
ATOM   207 O  "O4'" . DC  B 2 1  ? -5.471  -17.654 3.202   1.00 16.52 ? 11  DC  B "O4'" 1 
ATOM   208 C  "C3'" . DC  B 2 1  ? -4.243  -16.564 4.928   1.00 16.60 ? 11  DC  B "C3'" 1 
ATOM   209 O  "O3'" . DC  B 2 1  ? -3.546  -17.565 5.676   1.00 16.41 ? 11  DC  B "O3'" 1 
ATOM   210 C  "C2'" . DC  B 2 1  ? -3.559  -16.374 3.592   1.00 16.59 ? 11  DC  B "C2'" 1 
ATOM   211 C  "C1'" . DC  B 2 1  ? -4.113  -17.561 2.838   1.00 16.55 ? 11  DC  B "C1'" 1 
ATOM   212 N  N1    . DC  B 2 1  ? -4.020  -17.445 1.387   1.00 16.57 ? 11  DC  B N1    1 
ATOM   213 C  C2    . DC  B 2 1  ? -2.821  -17.776 0.799   1.00 16.56 ? 11  DC  B C2    1 
ATOM   214 O  O2    . DC  B 2 1  ? -1.897  -18.106 1.533   1.00 16.62 ? 11  DC  B O2    1 
ATOM   215 N  N3    . DC  B 2 1  ? -2.697  -17.716 -0.544  1.00 16.57 ? 11  DC  B N3    1 
ATOM   216 C  C4    . DC  B 2 1  ? -3.733  -17.305 -1.282  1.00 16.55 ? 11  DC  B C4    1 
ATOM   217 N  N4    . DC  B 2 1  ? -3.572  -17.219 -2.608  1.00 16.60 ? 11  DC  B N4    1 
ATOM   218 C  C5    . DC  B 2 1  ? -4.969  -16.952 -0.699  1.00 16.51 ? 11  DC  B C5    1 
ATOM   219 C  C6    . DC  B 2 1  ? -5.073  -17.035 0.627   1.00 16.56 ? 11  DC  B C6    1 
ATOM   220 P  P     . DC  B 2 2  ? -3.633  -17.554 7.275   1.00 16.17 ? 12  DC  B P     1 
ATOM   221 O  OP1   . DC  B 2 2  ? -3.554  -18.942 7.755   1.00 16.19 ? 12  DC  B OP1   1 
ATOM   222 O  OP2   . DC  B 2 2  ? -4.795  -16.725 7.631   1.00 16.29 ? 12  DC  B OP2   1 
ATOM   223 O  "O5'" . DC  B 2 2  ? -2.343  -16.725 7.699   1.00 15.71 ? 12  DC  B "O5'" 1 
ATOM   224 C  "C5'" . DC  B 2 2  ? -1.077  -16.984 7.094   1.00 14.63 ? 12  DC  B "C5'" 1 
ATOM   225 C  "C4'" . DC  B 2 2  ? -0.373  -15.684 6.790   1.00 13.84 ? 12  DC  B "C4'" 1 
ATOM   226 O  "O4'" . DC  B 2 2  ? -0.648  -15.254 5.451   1.00 13.51 ? 12  DC  B "O4'" 1 
ATOM   227 C  "C3'" . DC  B 2 2  ? -0.732  -14.510 7.694   1.00 13.41 ? 12  DC  B "C3'" 1 
ATOM   228 O  "O3'" . DC  B 2 2  ? 0.473   -13.833 8.032   1.00 12.88 ? 12  DC  B "O3'" 1 
ATOM   229 C  "C2'" . DC  B 2 2  ? -1.585  -13.622 6.797   1.00 13.32 ? 12  DC  B "C2'" 1 
ATOM   230 C  "C1'" . DC  B 2 2  ? -0.949  -13.863 5.444   1.00 13.34 ? 12  DC  B "C1'" 1 
ATOM   231 N  N1    . DC  B 2 2  ? -1.768  -13.590 4.245   1.00 13.12 ? 12  DC  B N1    1 
ATOM   232 C  C2    . DC  B 2 2  ? -1.150  -13.676 2.996   1.00 13.03 ? 12  DC  B C2    1 
ATOM   233 O  O2    . DC  B 2 2  ? 0.078   -13.875 2.949   1.00 12.99 ? 12  DC  B O2    1 
ATOM   234 N  N3    . DC  B 2 2  ? -1.904  -13.534 1.865   1.00 12.98 ? 12  DC  B N3    1 
ATOM   235 C  C4    . DC  B 2 2  ? -3.214  -13.285 1.961   1.00 12.94 ? 12  DC  B C4    1 
ATOM   236 N  N4    . DC  B 2 2  ? -3.920  -13.165 0.814   1.00 12.86 ? 12  DC  B N4    1 
ATOM   237 C  C5    . DC  B 2 2  ? -3.856  -13.147 3.224   1.00 12.94 ? 12  DC  B C5    1 
ATOM   238 C  C6    . DC  B 2 2  ? -3.102  -13.299 4.330   1.00 13.03 ? 12  DC  B C6    1 
ATOM   239 P  P     . DG  B 2 3  ? 1.278   -14.260 9.336   1.00 12.66 ? 13  DG  B P     1 
ATOM   240 O  OP1   . DG  B 2 3  ? 0.800   -15.599 9.703   1.00 12.77 ? 13  DG  B OP1   1 
ATOM   241 O  OP2   . DG  B 2 3  ? 1.212   -13.171 10.322  1.00 12.83 ? 13  DG  B OP2   1 
ATOM   242 O  "O5'" . DG  B 2 3  ? 2.767   -14.408 8.786   1.00 11.95 ? 13  DG  B "O5'" 1 
ATOM   243 C  "C5'" . DG  B 2 3  ? 3.618   -13.282 8.747   1.00 11.22 ? 13  DG  B "C5'" 1 
ATOM   244 C  "C4'" . DG  B 2 3  ? 4.178   -13.053 7.361   1.00 10.70 ? 13  DG  B "C4'" 1 
ATOM   245 O  "O4'" . DG  B 2 3  ? 3.155   -12.839 6.348   1.00 10.01 ? 13  DG  B "O4'" 1 
ATOM   246 C  "C3'" . DG  B 2 3  ? 5.018   -11.773 7.369   1.00 10.47 ? 13  DG  B "C3'" 1 
ATOM   247 O  "O3'" . DG  B 2 3  ? 6.141   -11.905 6.512   1.00 10.65 ? 13  DG  B "O3'" 1 
ATOM   248 C  "C2'" . DG  B 2 3  ? 4.070   -10.725 6.818   1.00 9.94  ? 13  DG  B "C2'" 1 
ATOM   249 C  "C1'" . DG  B 2 3  ? 3.328   -11.521 5.782   1.00 9.49  ? 13  DG  B "C1'" 1 
ATOM   250 N  N9    . DG  B 2 3  ? 2.010   -10.991 5.428   1.00 8.76  ? 13  DG  B N9    1 
ATOM   251 C  C8    . DG  B 2 3  ? 1.019   -10.514 6.269   1.00 8.59  ? 13  DG  B C8    1 
ATOM   252 N  N7    . DG  B 2 3  ? -0.092  -10.226 5.644   1.00 8.18  ? 13  DG  B N7    1 
ATOM   253 C  C5    . DG  B 2 3  ? 0.193   -10.491 4.312   1.00 8.33  ? 13  DG  B C5    1 
ATOM   254 C  C6    . DG  B 2 3  ? -0.621  -10.387 3.163   1.00 8.17  ? 13  DG  B C6    1 
ATOM   255 O  O6    . DG  B 2 3  ? -1.818  -10.085 3.096   1.00 8.00  ? 13  DG  B O6    1 
ATOM   256 N  N1    . DG  B 2 3  ? 0.080   -10.719 2.010   1.00 8.15  ? 13  DG  B N1    1 
ATOM   257 C  C2    . DG  B 2 3  ? 1.380   -11.147 1.975   1.00 8.25  ? 13  DG  B C2    1 
ATOM   258 N  N2    . DG  B 2 3  ? 1.875   -11.476 0.780   1.00 8.28  ? 13  DG  B N2    1 
ATOM   259 N  N3    . DG  B 2 3  ? 2.150   -11.266 3.044   1.00 8.37  ? 13  DG  B N3    1 
ATOM   260 C  C4    . DG  B 2 3  ? 1.498   -10.929 4.166   1.00 8.47  ? 13  DG  B C4    1 
ATOM   261 P  P     . DA  B 2 4  ? 7.619   -11.972 7.137   1.00 10.89 ? 14  DA  B P     1 
ATOM   262 O  OP1   . DA  B 2 4  ? 7.920   -13.380 7.501   1.00 10.73 ? 14  DA  B OP1   1 
ATOM   263 O  OP2   . DA  B 2 4  ? 7.753   -10.892 8.144   1.00 10.82 ? 14  DA  B OP2   1 
ATOM   264 O  "O5'" . DA  B 2 4  ? 8.526   -11.726 5.874   1.00 10.92 ? 14  DA  B "O5'" 1 
ATOM   265 C  "C5'" . DA  B 2 4  ? 8.479   -12.655 4.801   1.00 11.51 ? 14  DA  B "C5'" 1 
ATOM   266 C  "C4'" . DA  B 2 4  ? 8.542   -11.923 3.486   1.00 11.82 ? 14  DA  B "C4'" 1 
ATOM   267 O  "O4'" . DA  B 2 4  ? 7.295   -11.254 3.241   1.00 11.84 ? 14  DA  B "O4'" 1 
ATOM   268 C  "C3'" . DA  B 2 4  ? 9.613   -10.846 3.487   1.00 12.14 ? 14  DA  B "C3'" 1 
ATOM   269 O  "O3'" . DA  B 2 4  ? 10.266  -10.810 2.224   1.00 12.61 ? 14  DA  B "O3'" 1 
ATOM   270 C  "C2'" . DA  B 2 4  ? 8.838   -9.577  3.797   1.00 12.08 ? 14  DA  B "C2'" 1 
ATOM   271 C  "C1'" . DA  B 2 4  ? 7.479   -9.859  3.191   1.00 12.03 ? 14  DA  B "C1'" 1 
ATOM   272 N  N9    . DA  B 2 4  ? 6.361   -9.251  3.903   1.00 11.99 ? 14  DA  B N9    1 
ATOM   273 C  C8    . DA  B 2 4  ? 6.265   -8.947  5.222   1.00 11.98 ? 14  DA  B C8    1 
ATOM   274 N  N7    . DA  B 2 4  ? 5.108   -8.435  5.558   1.00 12.03 ? 14  DA  B N7    1 
ATOM   275 C  C5    . DA  B 2 4  ? 4.399   -8.396  4.370   1.00 11.97 ? 14  DA  B C5    1 
ATOM   276 C  C6    . DA  B 2 4  ? 3.096   -7.957  4.051   1.00 11.93 ? 14  DA  B C6    1 
ATOM   277 N  N6    . DA  B 2 4  ? 2.248   -7.437  4.939   1.00 11.85 ? 14  DA  B N6    1 
ATOM   278 N  N1    . DA  B 2 4  ? 2.695   -8.067  2.764   1.00 11.91 ? 14  DA  B N1    1 
ATOM   279 C  C2    . DA  B 2 4  ? 3.553   -8.540  1.866   1.00 11.89 ? 14  DA  B C2    1 
ATOM   280 N  N3    . DA  B 2 4  ? 4.809   -8.961  2.042   1.00 12.00 ? 14  DA  B N3    1 
ATOM   281 C  C4    . DA  B 2 4  ? 5.162   -8.878  3.339   1.00 11.96 ? 14  DA  B C4    1 
ATOM   282 P  P     . DT  B 2 5  ? 11.331  -9.647  1.916   1.00 12.95 ? 15  DT  B P     1 
ATOM   283 O  OP1   . DT  B 2 5  ? 12.329  -10.317 1.107   1.00 12.95 ? 15  DT  B OP1   1 
ATOM   284 O  OP2   . DT  B 2 5  ? 11.729  -8.939  3.151   1.00 12.70 ? 15  DT  B OP2   1 
ATOM   285 O  "O5'" . DT  B 2 5  ? 10.508  -8.626  1.005   1.00 13.24 ? 15  DT  B "O5'" 1 
ATOM   286 C  "C5'" . DT  B 2 5  ? 9.585   -9.085  0.006   1.00 13.53 ? 15  DT  B "C5'" 1 
ATOM   287 C  "C4'" . DT  B 2 5  ? 8.785   -7.930  -0.563  1.00 13.79 ? 15  DT  B "C4'" 1 
ATOM   288 O  "O4'" . DT  B 2 5  ? 7.649   -7.619  0.289   1.00 13.81 ? 15  DT  B "O4'" 1 
ATOM   289 C  "C3'" . DT  B 2 5  ? 9.545   -6.611  -0.779  1.00 14.03 ? 15  DT  B "C3'" 1 
ATOM   290 O  "O3'" . DT  B 2 5  ? 9.298   -6.083  -2.097  1.00 14.59 ? 15  DT  B "O3'" 1 
ATOM   291 C  "C2'" . DT  B 2 5  ? 8.957   -5.693  0.287   1.00 13.93 ? 15  DT  B "C2'" 1 
ATOM   292 C  "C1'" . DT  B 2 5  ? 7.524   -6.205  0.370   1.00 13.84 ? 15  DT  B "C1'" 1 
ATOM   293 N  N1    . DT  B 2 5  ? 6.763   -5.867  1.605   1.00 13.76 ? 15  DT  B N1    1 
ATOM   294 C  C2    . DT  B 2 5  ? 5.392   -5.713  1.504   1.00 13.67 ? 15  DT  B C2    1 
ATOM   295 O  O2    . DT  B 2 5  ? 4.795   -5.824  0.452   1.00 13.57 ? 15  DT  B O2    1 
ATOM   296 N  N3    . DT  B 2 5  ? 4.750   -5.413  2.692   1.00 13.61 ? 15  DT  B N3    1 
ATOM   297 C  C4    . DT  B 2 5  ? 5.329   -5.264  3.928   1.00 13.61 ? 15  DT  B C4    1 
ATOM   298 O  O4    . DT  B 2 5  ? 4.636   -5.016  4.889   1.00 13.54 ? 15  DT  B O4    1 
ATOM   299 C  C5    . DT  B 2 5  ? 6.771   -5.426  3.963   1.00 13.67 ? 15  DT  B C5    1 
ATOM   300 C  C7    . DT  B 2 5  ? 7.491   -5.267  5.265   1.00 13.62 ? 15  DT  B C7    1 
ATOM   301 C  C6    . DT  B 2 5  ? 7.405   -5.712  2.815   1.00 13.77 ? 15  DT  B C6    1 
ATOM   302 P  P     . DA  B 2 6  ? 10.470  -5.320  -2.893  1.00 15.01 ? 16  DA  B P     1 
ATOM   303 O  OP1   . DA  B 2 6  ? 10.961  -6.194  -4.005  1.00 15.00 ? 16  DA  B OP1   1 
ATOM   304 O  OP2   . DA  B 2 6  ? 11.446  -4.748  -1.926  1.00 15.02 ? 16  DA  B OP2   1 
ATOM   305 O  "O5'" . DA  B 2 6  ? 9.776   -4.063  -3.553  1.00 15.10 ? 16  DA  B "O5'" 1 
ATOM   306 C  "C5'" . DA  B 2 6  ? 8.671   -4.160  -4.424  1.00 15.54 ? 16  DA  B "C5'" 1 
ATOM   307 C  "C4'" . DA  B 2 6  ? 7.876   -2.876  -4.343  1.00 15.85 ? 16  DA  B "C4'" 1 
ATOM   308 O  "O4'" . DA  B 2 6  ? 7.162   -2.785  -3.078  1.00 15.82 ? 16  DA  B "O4'" 1 
ATOM   309 C  "C3'" . DA  B 2 6  ? 8.783   -1.644  -4.380  1.00 16.06 ? 16  DA  B "C3'" 1 
ATOM   310 O  "O3'" . DA  B 2 6  ? 8.052   -0.546  -4.872  1.00 16.65 ? 16  DA  B "O3'" 1 
ATOM   311 C  "C2'" . DA  B 2 6  ? 8.979   -1.329  -2.917  1.00 16.03 ? 16  DA  B "C2'" 1 
ATOM   312 C  "C1'" . DA  B 2 6  ? 7.585   -1.610  -2.402  1.00 15.87 ? 16  DA  B "C1'" 1 
ATOM   313 N  N9    . DA  B 2 6  ? 7.544   -1.857  -0.970  1.00 15.92 ? 16  DA  B N9    1 
ATOM   314 C  C8    . DA  B 2 6  ? 8.604   -1.902  -0.093  1.00 15.88 ? 16  DA  B C8    1 
ATOM   315 N  N7    . DA  B 2 6  ? 8.244   -2.075  1.149   1.00 15.84 ? 16  DA  B N7    1 
ATOM   316 C  C5    . DA  B 2 6  ? 6.862   -2.174  1.088   1.00 15.87 ? 16  DA  B C5    1 
ATOM   317 C  C6    . DA  B 2 6  ? 5.869   -2.352  2.072   1.00 15.83 ? 16  DA  B C6    1 
ATOM   318 N  N6    . DA  B 2 6  ? 6.116   -2.434  3.381   1.00 15.75 ? 16  DA  B N6    1 
ATOM   319 N  N1    . DA  B 2 6  ? 4.583   -2.427  1.655   1.00 15.84 ? 16  DA  B N1    1 
ATOM   320 C  C2    . DA  B 2 6  ? 4.321   -2.311  0.359   1.00 15.81 ? 16  DA  B C2    1 
ATOM   321 N  N3    . DA  B 2 6  ? 5.154   -2.114  -0.649  1.00 15.87 ? 16  DA  B N3    1 
ATOM   322 C  C4    . DA  B 2 6  ? 6.423   -2.057  -0.216  1.00 15.88 ? 16  DA  B C4    1 
ATOM   323 P  P     . DC  B 2 7  ? 8.155   -0.151  -6.413  1.00 16.91 ? 17  DC  B P     1 
ATOM   324 O  OP1   . DC  B 2 7  ? 8.597   -1.408  -7.075  1.00 16.94 ? 17  DC  B OP1   1 
ATOM   325 O  OP2   . DC  B 2 7  ? 8.992   1.064   -6.518  1.00 17.12 ? 17  DC  B OP2   1 
ATOM   326 O  "O5'" . DC  B 2 7  ? 6.647   0.251   -6.711  1.00 17.22 ? 17  DC  B "O5'" 1 
ATOM   327 C  "C5'" . DC  B 2 7  ? 5.560   -0.504  -6.144  1.00 17.78 ? 17  DC  B "C5'" 1 
ATOM   328 C  "C4'" . DC  B 2 7  ? 4.577   0.377   -5.385  1.00 18.05 ? 17  DC  B "C4'" 1 
ATOM   329 O  "O4'" . DC  B 2 7  ? 4.752   0.298   -3.942  1.00 18.25 ? 17  DC  B "O4'" 1 
ATOM   330 C  "C3'" . DC  B 2 7  ? 4.470   1.869   -5.730  1.00 18.29 ? 17  DC  B "C3'" 1 
ATOM   331 O  "O3'" . DC  B 2 7  ? 3.103   2.216   -5.916  1.00 18.62 ? 17  DC  B "O3'" 1 
ATOM   332 C  "C2'" . DC  B 2 7  ? 5.000   2.571   -4.485  1.00 18.22 ? 17  DC  B "C2'" 1 
ATOM   333 C  "C1'" . DC  B 2 7  ? 4.659   1.593   -3.359  1.00 18.30 ? 17  DC  B "C1'" 1 
ATOM   334 N  N1    . DC  B 2 7  ? 5.544   1.615   -2.175  1.00 18.32 ? 17  DC  B N1    1 
ATOM   335 C  C2    . DC  B 2 7  ? 4.953   1.487   -0.918  1.00 18.27 ? 17  DC  B C2    1 
ATOM   336 O  O2    . DC  B 2 7  ? 3.750   1.421   -0.762  1.00 18.33 ? 17  DC  B O2    1 
ATOM   337 N  N3    . DC  B 2 7  ? 5.833   1.432   0.141   1.00 18.24 ? 17  DC  B N3    1 
ATOM   338 C  C4    . DC  B 2 7  ? 7.211   1.489   0.078   1.00 18.32 ? 17  DC  B C4    1 
ATOM   339 N  N4    . DC  B 2 7  ? 7.968   1.382   1.173   1.00 16.45 ? 17  DC  B N4    1 
ATOM   340 C  C5    . DC  B 2 7  ? 7.737   1.667   -1.238  1.00 18.29 ? 17  DC  B C5    1 
ATOM   341 C  C6    . DC  B 2 7  ? 6.912   1.726   -2.291  1.00 18.27 ? 17  DC  B C6    1 
ATOM   342 P  P     . DC  B 2 8  ? 2.721   3.512   -6.798  1.00 19.10 ? 18  DC  B P     1 
ATOM   343 O  OP1   . DC  B 2 8  ? 1.363   3.321   -7.336  1.00 19.02 ? 18  DC  B OP1   1 
ATOM   344 O  OP2   . DC  B 2 8  ? 3.843   3.716   -7.736  1.00 18.95 ? 18  DC  B OP2   1 
ATOM   345 O  "O5'" . DC  B 2 8  ? 2.690   4.714   -5.745  1.00 19.10 ? 18  DC  B "O5'" 1 
ATOM   346 C  "C5'" . DC  B 2 8  ? 1.796   4.681   -4.609  1.00 19.42 ? 18  DC  B "C5'" 1 
ATOM   347 C  "C4'" . DC  B 2 8  ? 2.075   5.808   -3.632  1.00 19.42 ? 18  DC  B "C4'" 1 
ATOM   348 O  "O4'" . DC  B 2 8  ? 3.147   5.542   -2.698  1.00 19.43 ? 18  DC  B "O4'" 1 
ATOM   349 C  "C3'" . DC  B 2 8  ? 2.339   7.201   -4.197  1.00 19.71 ? 18  DC  B "C3'" 1 
ATOM   350 O  "O3'" . DC  B 2 8  ? 1.499   8.133   -3.496  1.00 20.17 ? 18  DC  B "O3'" 1 
ATOM   351 C  "C2'" . DC  B 2 8  ? 3.811   7.448   -3.886  1.00 19.52 ? 18  DC  B "C2'" 1 
ATOM   352 C  "C1'" . DC  B 2 8  ? 3.959   6.717   -2.565  1.00 19.28 ? 18  DC  B "C1'" 1 
ATOM   353 N  N1    . DC  B 2 8  ? 5.316   6.276   -2.206  1.00 19.08 ? 18  DC  B N1    1 
ATOM   354 C  C2    . DC  B 2 8  ? 5.533   5.821   -0.906  1.00 18.97 ? 18  DC  B C2    1 
ATOM   355 O  O2    . DC  B 2 8  ? 4.619   5.898   -0.092  1.00 18.83 ? 18  DC  B O2    1 
ATOM   356 N  N3    . DC  B 2 8  ? 6.726   5.308   -0.572  1.00 18.88 ? 18  DC  B N3    1 
ATOM   357 C  C4    . DC  B 2 8  ? 7.699   5.254   -1.465  1.00 18.96 ? 18  DC  B C4    1 
ATOM   358 N  N4    . DC  B 2 8  ? 8.847   4.689   -1.086  1.00 18.96 ? 18  DC  B N4    1 
ATOM   359 C  C5    . DC  B 2 8  ? 7.534   5.766   -2.796  1.00 19.01 ? 18  DC  B C5    1 
ATOM   360 C  C6    . DC  B 2 8  ? 6.331   6.264   -3.117  1.00 18.98 ? 18  DC  B C6    1 
ATOM   361 P  P     . DG  B 2 9  ? 0.137   8.645   -4.194  1.00 20.59 ? 19  DG  B P     1 
ATOM   362 O  OP1   . DG  B 2 9  ? -0.802  7.496   -4.305  1.00 20.58 ? 19  DG  B OP1   1 
ATOM   363 O  OP2   . DG  B 2 9  ? 0.551   9.372   -5.408  1.00 20.51 ? 19  DG  B OP2   1 
ATOM   364 O  "O5'" . DG  B 2 9  ? -0.463  9.632   -3.116  1.00 20.70 ? 19  DG  B "O5'" 1 
ATOM   365 C  "C5'" . DG  B 2 9  ? -1.003  9.095   -1.923  1.00 21.16 ? 19  DG  B "C5'" 1 
ATOM   366 C  "C4'" . DG  B 2 9  ? -0.253  9.608   -0.714  1.00 21.38 ? 19  DG  B "C4'" 1 
ATOM   367 O  "O4'" . DG  B 2 9  ? 1.153   9.231   -0.741  1.00 21.53 ? 19  DG  B "O4'" 1 
ATOM   368 C  "C3'" . DG  B 2 9  ? -0.274  11.126  -0.553  1.00 21.46 ? 19  DG  B "C3'" 1 
ATOM   369 O  "O3'" . DG  B 2 9  ? -0.477  11.416  0.824   1.00 21.47 ? 19  DG  B "O3'" 1 
ATOM   370 C  "C2'" . DG  B 2 9  ? 1.124   11.543  -0.976  1.00 21.46 ? 19  DG  B "C2'" 1 
ATOM   371 C  "C1'" . DG  B 2 9  ? 1.923   10.376  -0.451  1.00 21.39 ? 19  DG  B "C1'" 1 
ATOM   372 N  N9    . DG  B 2 9  ? 3.247   10.185  -1.019  1.00 21.30 ? 19  DG  B N9    1 
ATOM   373 C  C8    . DG  B 2 9  ? 3.672   10.399  -2.305  1.00 21.26 ? 19  DG  B C8    1 
ATOM   374 N  N7    . DG  B 2 9  ? 4.933   10.135  -2.473  1.00 21.20 ? 19  DG  B N7    1 
ATOM   375 C  C5    . DG  B 2 9  ? 5.358   9.727   -1.220  1.00 21.26 ? 19  DG  B C5    1 
ATOM   376 C  C6    . DG  B 2 9  ? 6.616   9.315   -0.782  1.00 21.17 ? 19  DG  B C6    1 
ATOM   377 O  O6    . DG  B 2 9  ? 7.649   9.212   -1.436  1.00 21.17 ? 19  DG  B O6    1 
ATOM   378 N  N1    . DG  B 2 9  ? 6.602   8.991   0.574   1.00 21.24 ? 19  DG  B N1    1 
ATOM   379 C  C2    . DG  B 2 9  ? 5.499   9.050   1.391   1.00 21.20 ? 19  DG  B C2    1 
ATOM   380 N  N2    . DG  B 2 9  ? 5.652   8.708   2.666   1.00 21.19 ? 19  DG  B N2    1 
ATOM   381 N  N3    . DG  B 2 9  ? 4.322   9.423   0.980   1.00 21.23 ? 19  DG  B N3    1 
ATOM   382 C  C4    . DG  B 2 9  ? 4.323   9.750   -0.323  1.00 21.25 ? 19  DG  B C4    1 
ATOM   383 P  P     . DG  B 2 10 ? -1.786  12.211  1.267   1.00 21.67 ? 20  DG  B P     1 
ATOM   384 O  OP1   . DG  B 2 10 ? -2.951  11.290  1.180   1.00 21.66 ? 20  DG  B OP1   1 
ATOM   385 O  OP2   . DG  B 2 10 ? -1.788  13.484  0.487   1.00 21.67 ? 20  DG  B OP2   1 
ATOM   386 O  "O5'" . DG  B 2 10 ? -1.557  12.600  2.795   1.00 21.40 ? 20  DG  B "O5'" 1 
ATOM   387 C  "C5'" . DG  B 2 10 ? -1.012  11.685  3.746   1.00 21.11 ? 20  DG  B "C5'" 1 
ATOM   388 C  "C4'" . DG  B 2 10 ? -0.040  12.403  4.662   1.00 20.81 ? 20  DG  B "C4'" 1 
ATOM   389 O  "O4'" . DG  B 2 10 ? 1.256   12.473  4.031   1.00 20.64 ? 20  DG  B "O4'" 1 
ATOM   390 C  "C3'" . DG  B 2 10 ? -0.414  13.846  5.023   1.00 20.77 ? 20  DG  B "C3'" 1 
ATOM   391 O  "O3'" . DG  B 2 10 ? 0.085   14.281  6.282   1.00 20.92 ? 20  DG  B "O3'" 1 
ATOM   392 C  "C2'" . DG  B 2 10 ? 0.390   14.655  4.027   1.00 20.65 ? 20  DG  B "C2'" 1 
ATOM   393 C  "C1'" . DG  B 2 10 ? 1.659   13.826  3.895   1.00 20.49 ? 20  DG  B "C1'" 1 
ATOM   394 N  N9    . DG  B 2 10 ? 2.310   13.942  2.602   1.00 20.39 ? 20  DG  B N9    1 
ATOM   395 C  C8    . DG  B 2 10 ? 1.762   14.431  1.442   1.00 20.38 ? 20  DG  B C8    1 
ATOM   396 N  N7    . DG  B 2 10 ? 2.581   14.383  0.434   1.00 20.34 ? 20  DG  B N7    1 
ATOM   397 C  C5    . DG  B 2 10 ? 3.740   13.822  0.958   1.00 20.29 ? 20  DG  B C5    1 
ATOM   398 C  C6    . DG  B 2 10 ? 4.983   13.518  0.341   1.00 20.23 ? 20  DG  B C6    1 
ATOM   399 O  O6    . DG  B 2 10 ? 5.316   13.656  -0.839  1.00 20.16 ? 20  DG  B O6    1 
ATOM   400 N  N1    . DG  B 2 10 ? 5.892   13.010  1.246   1.00 20.17 ? 20  DG  B N1    1 
ATOM   401 C  C2    . DG  B 2 10 ? 5.657   12.809  2.556   1.00 20.23 ? 20  DG  B C2    1 
ATOM   402 N  N2    . DG  B 2 10 ? 6.692   12.370  3.256   1.00 20.21 ? 20  DG  B N2    1 
ATOM   403 N  N3    . DG  B 2 10 ? 4.495   13.045  3.151   1.00 20.31 ? 20  DG  B N3    1 
ATOM   404 C  C4    . DG  B 2 10 ? 3.592   13.559  2.295   1.00 20.33 ? 20  DG  B C4    1 
HETATM 405 NA NA    . NA  C 3 .  ? 5.189   -15.233 3.673   1.00 12.61 ? 25  NA  B NA    1 
HETATM 406 O  O     . HOH D 4 .  ? -14.177 -3.057  -2.164  1.00 6.01  ? 29  HOH A O     1 
HETATM 407 O  O     . HOH D 4 .  ? -15.095 4.151   -13.812 1.00 5.62  ? 30  HOH A O     1 
HETATM 408 O  O     . HOH D 4 .  ? -19.460 7.398   -14.480 1.00 18.87 ? 34  HOH A O     1 
HETATM 409 O  O     . HOH D 4 .  ? -16.059 8.389   -6.942  1.00 4.53  ? 35  HOH A O     1 
HETATM 410 O  O     . HOH D 4 .  ? -21.518 3.547   -12.751 1.00 6.91  ? 36  HOH A O     1 
HETATM 411 O  O     . HOH D 4 .  ? -1.825  -1.644  -3.538  1.00 12.99 ? 38  HOH A O     1 
HETATM 412 O  O     . HOH D 4 .  ? -1.425  4.986   10.615  1.00 16.08 ? 39  HOH A O     1 
HETATM 413 O  O     . HOH D 4 .  ? -20.967 -0.937  -7.542  1.00 38.86 ? 41  HOH A O     1 
HETATM 414 O  O     . HOH D 4 .  ? -6.106  -2.852  4.382   0.50 23.24 ? 42  HOH A O     1 
HETATM 415 O  O     . HOH D 4 .  ? -14.752 -4.717  -14.408 1.00 9.55  ? 43  HOH A O     1 
HETATM 416 O  O     . HOH D 4 .  ? 0.633   -3.030  -2.246  1.00 10.01 ? 46  HOH A O     1 
HETATM 417 O  O     . HOH D 4 .  ? 9.171   9.840   11.484  1.00 11.61 ? 47  HOH A O     1 
HETATM 418 O  O     . HOH D 4 .  ? -17.056 -1.597  -7.434  1.00 19.11 ? 48  HOH A O     1 
HETATM 419 O  O     . HOH D 4 .  ? 7.213   7.506   5.612   1.00 6.48  ? 49  HOH A O     1 
HETATM 420 O  O     . HOH D 4 .  ? -18.235 -4.471  -10.060 1.00 17.60 ? 51  HOH A O     1 
HETATM 421 O  O     . HOH D 4 .  ? 13.570  9.639   -2.097  1.00 4.96  ? 52  HOH A O     1 
HETATM 422 O  O     . HOH D 4 .  ? -8.021  -3.703  -8.313  1.00 7.82  ? 53  HOH A O     1 
HETATM 423 O  O     . HOH D 4 .  ? -10.860 -8.117  -4.403  1.00 28.97 ? 55  HOH A O     1 
HETATM 424 O  O     . HOH D 4 .  ? -10.298 -1.058  -11.431 1.00 15.45 ? 57  HOH A O     1 
HETATM 425 O  O     . HOH D 4 .  ? -6.578  -2.356  -7.171  1.00 8.16  ? 58  HOH A O     1 
HETATM 426 O  O     . HOH D 4 .  ? 12.425  9.577   12.514  1.00 7.27  ? 61  HOH A O     1 
HETATM 427 O  O     . HOH D 4 .  ? 10.764  9.965   9.796   1.00 34.43 ? 62  HOH A O     1 
HETATM 428 O  O     . HOH D 4 .  ? 4.670   7.970   6.759   1.00 3.22  ? 64  HOH A O     1 
HETATM 429 O  O     . HOH D 4 .  ? -10.709 3.590   -15.533 1.00 19.95 ? 67  HOH A O     1 
HETATM 430 O  O     . HOH D 4 .  ? -14.959 1.777   -13.967 1.00 22.83 ? 68  HOH A O     1 
HETATM 431 O  O     . HOH D 4 .  ? 14.065  2.115   8.800   1.00 8.60  ? 70  HOH A O     1 
HETATM 432 O  O     . HOH D 4 .  ? -25.268 3.767   -9.460  1.00 12.01 ? 71  HOH A O     1 
HETATM 433 O  O     . HOH D 4 .  ? -17.357 0.283   -16.126 1.00 22.14 ? 74  HOH A O     1 
HETATM 434 O  O     . HOH D 4 .  ? 11.471  1.610   6.394   1.00 15.54 ? 78  HOH A O     1 
HETATM 435 O  O     . HOH D 4 .  ? -8.290  -1.522  -14.510 1.00 9.85  ? 81  HOH A O     1 
HETATM 436 O  O     . HOH D 4 .  ? -19.461 1.739   -8.403  1.00 19.30 ? 82  HOH A O     1 
HETATM 437 O  O     . HOH D 4 .  ? -5.997  -5.892  -5.668  0.50 13.92 ? 83  HOH A O     1 
HETATM 438 O  O     . HOH D 4 .  ? -27.976 3.271   -8.726  1.00 17.50 ? 84  HOH A O     1 
HETATM 439 O  O     . HOH D 4 .  ? -9.635  -3.524  -10.408 1.00 13.44 ? 85  HOH A O     1 
HETATM 440 O  O     . HOH D 4 .  ? 1.380   5.379   1.585   1.00 35.97 ? 86  HOH A O     1 
HETATM 441 O  O     . HOH D 4 .  ? -0.458  2.845   12.145  1.00 16.24 ? 87  HOH A O     1 
HETATM 442 O  O     . HOH D 4 .  ? -15.406 5.423   -7.681  1.00 11.47 ? 88  HOH A O     1 
HETATM 443 O  O     . HOH D 4 .  ? 13.766  5.112   5.539   1.00 17.39 ? 89  HOH A O     1 
HETATM 444 O  O     . HOH D 4 .  ? -16.380 -0.916  -13.355 1.00 18.36 ? 94  HOH A O     1 
HETATM 445 O  O     . HOH D 4 .  ? -9.845  3.065   5.569   1.00 16.77 ? 95  HOH A O     1 
HETATM 446 O  O     . HOH D 4 .  ? 14.002  9.078   9.207   1.00 45.74 ? 96  HOH A O     1 
HETATM 447 O  O     . HOH D 4 .  ? -8.148  -3.409  -12.816 1.00 32.75 ? 97  HOH A O     1 
HETATM 448 O  O     . HOH D 4 .  ? -12.321 1.709   -14.001 1.00 12.53 ? 99  HOH A O     1 
HETATM 449 O  O     . HOH D 4 .  ? 12.453  11.355  8.621   1.00 24.40 ? 100 HOH A O     1 
HETATM 450 O  O     . HOH D 4 .  ? -6.859  -3.345  -10.646 1.00 22.02 ? 103 HOH A O     1 
HETATM 451 O  O     . HOH D 4 .  ? -4.380  0.642   11.306  1.00 23.99 ? 104 HOH A O     1 
HETATM 452 O  O     . HOH D 4 .  ? -1.427  -0.339  9.335   1.00 38.62 ? 106 HOH A O     1 
HETATM 453 O  O     . HOH D 4 .  ? -7.232  1.908   5.689   1.00 21.15 ? 108 HOH A O     1 
HETATM 454 O  O     . HOH D 4 .  ? -20.220 -5.597  -12.292 1.00 17.74 ? 109 HOH A O     1 
HETATM 455 O  O     . HOH D 4 .  ? -19.039 -2.662  -8.083  1.00 18.20 ? 112 HOH A O     1 
HETATM 456 O  O     . HOH D 4 .  ? -9.396  -2.151  -16.617 1.00 36.73 ? 113 HOH A O     1 
HETATM 457 O  O     . HOH D 4 .  ? -7.420  3.033   -15.592 1.00 30.20 ? 114 HOH A O     1 
HETATM 458 O  O     . HOH D 4 .  ? -9.327  1.383   -14.931 1.00 17.41 ? 115 HOH A O     1 
HETATM 459 O  O     . HOH D 4 .  ? -21.924 -4.471  -10.377 1.00 26.55 ? 116 HOH A O     1 
HETATM 460 O  O     . HOH D 4 .  ? -17.626 -3.368  -14.185 1.00 17.57 ? 119 HOH A O     1 
HETATM 461 O  O     . HOH D 4 .  ? -18.959 -7.308  -7.580  1.00 24.52 ? 122 HOH A O     1 
HETATM 462 O  O     . HOH E 4 .  ? 4.615   -12.768 2.876   1.00 5.02  ? 21  HOH B O     1 
HETATM 463 O  O     . HOH E 4 .  ? -0.221  -19.403 3.370   1.00 16.90 ? 22  HOH B O     1 
HETATM 464 O  O     . HOH E 4 .  ? 0.799   -17.120 4.012   1.00 2.35  ? 23  HOH B O     1 
HETATM 465 O  O     . HOH E 4 .  ? 3.519   -16.837 3.462   1.00 2.94  ? 24  HOH B O     1 
HETATM 466 O  O     . HOH E 4 .  ? 1.905   16.409  -2.714  1.00 22.78 ? 26  HOH B O     1 
HETATM 467 O  O     . HOH E 4 .  ? 2.148   -14.531 4.084   1.00 3.15  ? 27  HOH B O     1 
HETATM 468 O  O     . HOH E 4 .  ? 13.032  -0.911  3.552   0.50 19.69 ? 28  HOH B O     1 
HETATM 469 O  O     . HOH E 4 .  ? 8.248   9.388   -4.683  1.00 22.69 ? 31  HOH B O     1 
HETATM 470 O  O     . HOH E 4 .  ? -6.929  -10.094 3.478   1.00 11.55 ? 32  HOH B O     1 
HETATM 471 O  O     . HOH E 4 .  ? -3.826  -10.183 5.106   1.00 7.87  ? 33  HOH B O     1 
HETATM 472 O  O     . HOH E 4 .  ? 0.732   17.574  -4.179  1.00 18.73 ? 37  HOH B O     1 
HETATM 473 O  O     . HOH E 4 .  ? 11.946  -3.061  -5.549  0.50 1.62  ? 40  HOH B O     1 
HETATM 474 O  O     . HOH E 4 .  ? 5.772   -8.417  -1.974  1.00 7.89  ? 44  HOH B O     1 
HETATM 475 O  O     . HOH E 4 .  ? 1.624   1.871   -11.471 1.00 15.68 ? 45  HOH B O     1 
HETATM 476 O  O     . HOH E 4 .  ? 10.813  -12.119 0.393   1.00 29.90 ? 50  HOH B O     1 
HETATM 477 O  O     . HOH E 4 .  ? 6.949   -13.205 9.872   1.00 22.69 ? 54  HOH B O     1 
HETATM 478 O  O     . HOH E 4 .  ? 0.915   8.302   1.865   1.00 24.40 ? 56  HOH B O     1 
HETATM 479 O  O     . HOH E 4 .  ? -1.359  1.723   -5.632  1.00 15.46 ? 59  HOH B O     1 
HETATM 480 O  O     . HOH E 4 .  ? 5.840   -17.214 3.213   1.00 3.29  ? 60  HOH B O     1 
HETATM 481 O  O     . HOH E 4 .  ? 13.402  -5.844  0.132   1.00 11.44 ? 63  HOH B O     1 
HETATM 482 O  O     . HOH E 4 .  ? 4.966   3.983   -10.190 1.00 13.75 ? 65  HOH B O     1 
HETATM 483 O  O     . HOH E 4 .  ? 10.435  -0.266  2.135   1.00 16.62 ? 66  HOH B O     1 
HETATM 484 O  O     . HOH E 4 .  ? 4.558   -14.577 1.066   1.00 6.78  ? 69  HOH B O     1 
HETATM 485 O  O     . HOH E 4 .  ? 9.260   6.738   -7.153  1.00 52.09 ? 72  HOH B O     1 
HETATM 486 O  O     . HOH E 4 .  ? 8.340   -14.680 1.022   1.00 8.81  ? 73  HOH B O     1 
HETATM 487 O  O     . HOH E 4 .  ? 6.884   10.837  -8.476  1.00 14.62 ? 75  HOH B O     1 
HETATM 488 O  O     . HOH E 4 .  ? 1.739   -9.627  9.977   1.00 17.06 ? 76  HOH B O     1 
HETATM 489 O  O     . HOH E 4 .  ? 4.959   13.415  5.404   1.00 23.98 ? 77  HOH B O     1 
HETATM 490 O  O     . HOH E 4 .  ? 3.475   -17.326 5.943   1.00 14.88 ? 79  HOH B O     1 
HETATM 491 O  O     . HOH E 4 .  ? -5.787  -14.742 6.687   1.00 17.36 ? 80  HOH B O     1 
HETATM 492 O  O     . HOH E 4 .  ? 0.643   18.486  -0.544  1.00 21.83 ? 90  HOH B O     1 
HETATM 493 O  O     . HOH E 4 .  ? -8.203  -13.509 8.236   1.00 7.29  ? 91  HOH B O     1 
HETATM 494 O  O     . HOH E 4 .  ? -0.326  13.565  9.222   1.00 46.62 ? 92  HOH B O     1 
HETATM 495 O  O     . HOH E 4 .  ? -1.308  8.984   4.781   1.00 20.66 ? 93  HOH B O     1 
HETATM 496 O  O     . HOH E 4 .  ? -1.075  16.719  -0.240  1.00 21.37 ? 98  HOH B O     1 
HETATM 497 O  O     . HOH E 4 .  ? 3.042   9.160   4.665   1.00 17.34 ? 101 HOH B O     1 
HETATM 498 O  O     . HOH E 4 .  ? -4.541  15.787  0.620   1.00 24.20 ? 102 HOH B O     1 
HETATM 499 O  O     . HOH E 4 .  ? 8.990   -1.449  3.500   1.00 35.49 ? 105 HOH B O     1 
HETATM 500 O  O     . HOH E 4 .  ? 15.591  2.952   3.863   1.00 15.37 ? 107 HOH B O     1 
HETATM 501 O  O     . HOH E 4 .  ? 2.357   11.528  -8.928  1.00 28.12 ? 110 HOH B O     1 
HETATM 502 O  O     . HOH E 4 .  ? 5.565   14.320  -3.610  1.00 18.31 ? 111 HOH B O     1 
HETATM 503 O  O     . HOH E 4 .  ? 2.024   1.304   -9.010  1.00 35.63 ? 117 HOH B O     1 
HETATM 504 O  O     . HOH E 4 .  ? 6.114   9.965   -5.397  1.00 13.30 ? 118 HOH B O     1 
HETATM 505 O  O     . HOH E 4 .  ? -5.561  -11.636 5.186   1.00 33.13 ? 120 HOH B O     1 
HETATM 506 O  O     . HOH E 4 .  ? 2.654   9.276   -6.431  1.00 19.13 ? 121 HOH B O     1 
# 
loop_
_pdbx_poly_seq_scheme.asym_id 
_pdbx_poly_seq_scheme.entity_id 
_pdbx_poly_seq_scheme.seq_id 
_pdbx_poly_seq_scheme.mon_id 
_pdbx_poly_seq_scheme.ndb_seq_num 
_pdbx_poly_seq_scheme.pdb_seq_num 
_pdbx_poly_seq_scheme.auth_seq_num 
_pdbx_poly_seq_scheme.pdb_mon_id 
_pdbx_poly_seq_scheme.auth_mon_id 
_pdbx_poly_seq_scheme.pdb_strand_id 
_pdbx_poly_seq_scheme.pdb_ins_code 
_pdbx_poly_seq_scheme.hetero 
A 1 1  DC  1  1  1  DC  C   A . n 
A 1 2  DC  2  2  2  DC  C   A . n 
A 1 3  DG  3  3  3  DG  G   A . n 
A 1 4  DG  4  4  4  DG  G   A . n 
A 1 5  DT  5  5  5  DT  T   A . n 
A 1 6  DA  6  6  6  DA  A   A . n 
A 1 7  BRU 7  7  7  BRU BRU A . n 
A 1 8  DC  8  8  8  DC  C   A . n 
A 1 9  DG  9  9  9  DG  G   A . n 
A 1 10 DG  10 10 10 DG  G   A . n 
B 2 1  DC  1  11 11 DC  C   B . n 
B 2 2  DC  2  12 12 DC  C   B . n 
B 2 3  DG  3  13 13 DG  G   B . n 
B 2 4  DA  4  14 14 DA  A   B . n 
B 2 5  DT  5  15 15 DT  T   B . n 
B 2 6  DA  6  16 16 DA  A   B . n 
B 2 7  DC  7  17 17 DC  C   B . n 
B 2 8  DC  8  18 18 DC  C   B . n 
B 2 9  DG  9  19 19 DG  G   B . n 
B 2 10 DG  10 20 20 DG  G   B . n 
# 
loop_
_pdbx_nonpoly_scheme.asym_id 
_pdbx_nonpoly_scheme.entity_id 
_pdbx_nonpoly_scheme.mon_id 
_pdbx_nonpoly_scheme.ndb_seq_num 
_pdbx_nonpoly_scheme.pdb_seq_num 
_pdbx_nonpoly_scheme.auth_seq_num 
_pdbx_nonpoly_scheme.pdb_mon_id 
_pdbx_nonpoly_scheme.auth_mon_id 
_pdbx_nonpoly_scheme.pdb_strand_id 
_pdbx_nonpoly_scheme.pdb_ins_code 
C 3 NA  1  25  25  NA  NA  B . 
D 4 HOH 1  29  29  HOH HOH A . 
D 4 HOH 2  30  30  HOH HOH A . 
D 4 HOH 3  34  34  HOH HOH A . 
D 4 HOH 4  35  35  HOH HOH A . 
D 4 HOH 5  36  36  HOH HOH A . 
D 4 HOH 6  38  38  HOH HOH A . 
D 4 HOH 7  39  39  HOH HOH A . 
D 4 HOH 8  41  41  HOH HOH A . 
D 4 HOH 9  42  42  HOH HOH A . 
D 4 HOH 10 43  43  HOH HOH A . 
D 4 HOH 11 46  46  HOH HOH A . 
D 4 HOH 12 47  47  HOH HOH A . 
D 4 HOH 13 48  48  HOH HOH A . 
D 4 HOH 14 49  49  HOH HOH A . 
D 4 HOH 15 51  51  HOH HOH A . 
D 4 HOH 16 52  52  HOH HOH A . 
D 4 HOH 17 53  53  HOH HOH A . 
D 4 HOH 18 55  55  HOH HOH A . 
D 4 HOH 19 57  57  HOH HOH A . 
D 4 HOH 20 58  58  HOH HOH A . 
D 4 HOH 21 61  61  HOH HOH A . 
D 4 HOH 22 62  62  HOH HOH A . 
D 4 HOH 23 64  64  HOH HOH A . 
D 4 HOH 24 67  67  HOH HOH A . 
D 4 HOH 25 68  68  HOH HOH A . 
D 4 HOH 26 70  70  HOH HOH A . 
D 4 HOH 27 71  71  HOH HOH A . 
D 4 HOH 28 74  74  HOH HOH A . 
D 4 HOH 29 78  78  HOH HOH A . 
D 4 HOH 30 81  81  HOH HOH A . 
D 4 HOH 31 82  82  HOH HOH A . 
D 4 HOH 32 83  83  HOH HOH A . 
D 4 HOH 33 84  84  HOH HOH A . 
D 4 HOH 34 85  85  HOH HOH A . 
D 4 HOH 35 86  86  HOH HOH A . 
D 4 HOH 36 87  87  HOH HOH A . 
D 4 HOH 37 88  88  HOH HOH A . 
D 4 HOH 38 89  89  HOH HOH A . 
D 4 HOH 39 94  94  HOH HOH A . 
D 4 HOH 40 95  95  HOH HOH A . 
D 4 HOH 41 96  96  HOH HOH A . 
D 4 HOH 42 97  97  HOH HOH A . 
D 4 HOH 43 99  99  HOH HOH A . 
D 4 HOH 44 100 100 HOH HOH A . 
D 4 HOH 45 103 103 HOH HOH A . 
D 4 HOH 46 104 104 HOH HOH A . 
D 4 HOH 47 106 106 HOH HOH A . 
D 4 HOH 48 108 108 HOH HOH A . 
D 4 HOH 49 109 109 HOH HOH A . 
D 4 HOH 50 112 112 HOH HOH A . 
D 4 HOH 51 113 113 HOH HOH A . 
D 4 HOH 52 114 114 HOH HOH A . 
D 4 HOH 53 115 115 HOH HOH A . 
D 4 HOH 54 116 116 HOH HOH A . 
D 4 HOH 55 119 119 HOH HOH A . 
D 4 HOH 56 122 122 HOH HOH A . 
E 4 HOH 1  21  21  HOH HOH B . 
E 4 HOH 2  22  22  HOH HOH B . 
E 4 HOH 3  23  23  HOH HOH B . 
E 4 HOH 4  24  24  HOH HOH B . 
E 4 HOH 5  26  26  HOH HOH B . 
E 4 HOH 6  27  27  HOH HOH B . 
E 4 HOH 7  28  28  HOH HOH B . 
E 4 HOH 8  31  31  HOH HOH B . 
E 4 HOH 9  32  32  HOH HOH B . 
E 4 HOH 10 33  33  HOH HOH B . 
E 4 HOH 11 37  37  HOH HOH B . 
E 4 HOH 12 40  40  HOH HOH B . 
E 4 HOH 13 44  44  HOH HOH B . 
E 4 HOH 14 45  45  HOH HOH B . 
E 4 HOH 15 50  50  HOH HOH B . 
E 4 HOH 16 54  54  HOH HOH B . 
E 4 HOH 17 56  56  HOH HOH B . 
E 4 HOH 18 59  59  HOH HOH B . 
E 4 HOH 19 60  60  HOH HOH B . 
E 4 HOH 20 63  63  HOH HOH B . 
E 4 HOH 21 65  65  HOH HOH B . 
E 4 HOH 22 66  66  HOH HOH B . 
E 4 HOH 23 69  69  HOH HOH B . 
E 4 HOH 24 72  72  HOH HOH B . 
E 4 HOH 25 73  73  HOH HOH B . 
E 4 HOH 26 75  75  HOH HOH B . 
E 4 HOH 27 76  76  HOH HOH B . 
E 4 HOH 28 77  77  HOH HOH B . 
E 4 HOH 29 79  79  HOH HOH B . 
E 4 HOH 30 80  80  HOH HOH B . 
E 4 HOH 31 90  90  HOH HOH B . 
E 4 HOH 32 91  91  HOH HOH B . 
E 4 HOH 33 92  92  HOH HOH B . 
E 4 HOH 34 93  93  HOH HOH B . 
E 4 HOH 35 98  98  HOH HOH B . 
E 4 HOH 36 101 101 HOH HOH B . 
E 4 HOH 37 102 102 HOH HOH B . 
E 4 HOH 38 105 105 HOH HOH B . 
E 4 HOH 39 107 107 HOH HOH B . 
E 4 HOH 40 110 110 HOH HOH B . 
E 4 HOH 41 111 111 HOH HOH B . 
E 4 HOH 42 117 117 HOH HOH B . 
E 4 HOH 43 118 118 HOH HOH B . 
E 4 HOH 44 120 120 HOH HOH B . 
E 4 HOH 45 121 121 HOH HOH B . 
# 
_pdbx_struct_mod_residue.id               1 
_pdbx_struct_mod_residue.label_asym_id    A 
_pdbx_struct_mod_residue.label_comp_id    BRU 
_pdbx_struct_mod_residue.label_seq_id     7 
_pdbx_struct_mod_residue.auth_asym_id     A 
_pdbx_struct_mod_residue.auth_comp_id     BRU 
_pdbx_struct_mod_residue.auth_seq_id      7 
_pdbx_struct_mod_residue.PDB_ins_code     ? 
_pdbx_struct_mod_residue.parent_comp_id   DU 
_pdbx_struct_mod_residue.details          ? 
# 
_pdbx_struct_assembly.id                   1 
_pdbx_struct_assembly.details              author_defined_assembly 
_pdbx_struct_assembly.method_details       ? 
_pdbx_struct_assembly.oligomeric_details   tetrameric 
_pdbx_struct_assembly.oligomeric_count     4 
# 
_pdbx_struct_assembly_gen.assembly_id       1 
_pdbx_struct_assembly_gen.oper_expression   1,2 
_pdbx_struct_assembly_gen.asym_id_list      A,B,C,D,E 
# 
loop_
_pdbx_struct_oper_list.id 
_pdbx_struct_oper_list.type 
_pdbx_struct_oper_list.name 
_pdbx_struct_oper_list.symmetry_operation 
_pdbx_struct_oper_list.matrix[1][1] 
_pdbx_struct_oper_list.matrix[1][2] 
_pdbx_struct_oper_list.matrix[1][3] 
_pdbx_struct_oper_list.vector[1] 
_pdbx_struct_oper_list.matrix[2][1] 
_pdbx_struct_oper_list.matrix[2][2] 
_pdbx_struct_oper_list.matrix[2][3] 
_pdbx_struct_oper_list.vector[2] 
_pdbx_struct_oper_list.matrix[3][1] 
_pdbx_struct_oper_list.matrix[3][2] 
_pdbx_struct_oper_list.matrix[3][3] 
_pdbx_struct_oper_list.vector[3] 
1 'identity operation'         1_555 x,y,z     1.0000000000  0.0000000000 0.0000000000 0.0000000000   0.0000000000 1.0000000000  0.0000000000 0.0000000000  0.0000000000 0.0000000000 1.0000000000 0.0000000000 
2 'crystal symmetry operation' 2_556 -x,y,-z+1 -0.9959201409 0.0263585345 0.0863035374 -11.3254526539 0.0263585345 -0.8297067802 0.5575767987 -7.4590903227 0.0863035374 0.5575767987 0.8256269211 2.8135224515 
# 
loop_
_pdbx_struct_special_symmetry.id 
_pdbx_struct_special_symmetry.PDB_model_num 
_pdbx_struct_special_symmetry.auth_asym_id 
_pdbx_struct_special_symmetry.auth_comp_id 
_pdbx_struct_special_symmetry.auth_seq_id 
_pdbx_struct_special_symmetry.PDB_ins_code 
_pdbx_struct_special_symmetry.label_asym_id 
_pdbx_struct_special_symmetry.label_comp_id 
_pdbx_struct_special_symmetry.label_seq_id 
1 1 A HOH 83 ? D HOH . 
2 1 B HOH 28 ? E HOH . 
# 
loop_
_pdbx_struct_conn_angle.id 
_pdbx_struct_conn_angle.ptnr1_label_atom_id 
_pdbx_struct_conn_angle.ptnr1_label_alt_id 
_pdbx_struct_conn_angle.ptnr1_label_asym_id 
_pdbx_struct_conn_angle.ptnr1_label_comp_id 
_pdbx_struct_conn_angle.ptnr1_label_seq_id 
_pdbx_struct_conn_angle.ptnr1_auth_atom_id 
_pdbx_struct_conn_angle.ptnr1_auth_asym_id 
_pdbx_struct_conn_angle.ptnr1_auth_comp_id 
_pdbx_struct_conn_angle.ptnr1_auth_seq_id 
_pdbx_struct_conn_angle.ptnr1_PDB_ins_code 
_pdbx_struct_conn_angle.ptnr1_symmetry 
_pdbx_struct_conn_angle.ptnr2_label_atom_id 
_pdbx_struct_conn_angle.ptnr2_label_alt_id 
_pdbx_struct_conn_angle.ptnr2_label_asym_id 
_pdbx_struct_conn_angle.ptnr2_label_comp_id 
_pdbx_struct_conn_angle.ptnr2_label_seq_id 
_pdbx_struct_conn_angle.ptnr2_auth_atom_id 
_pdbx_struct_conn_angle.ptnr2_auth_asym_id 
_pdbx_struct_conn_angle.ptnr2_auth_comp_id 
_pdbx_struct_conn_angle.ptnr2_auth_seq_id 
_pdbx_struct_conn_angle.ptnr2_PDB_ins_code 
_pdbx_struct_conn_angle.ptnr2_symmetry 
_pdbx_struct_conn_angle.ptnr3_label_atom_id 
_pdbx_struct_conn_angle.ptnr3_label_alt_id 
_pdbx_struct_conn_angle.ptnr3_label_asym_id 
_pdbx_struct_conn_angle.ptnr3_label_comp_id 
_pdbx_struct_conn_angle.ptnr3_label_seq_id 
_pdbx_struct_conn_angle.ptnr3_auth_atom_id 
_pdbx_struct_conn_angle.ptnr3_auth_asym_id 
_pdbx_struct_conn_angle.ptnr3_auth_comp_id 
_pdbx_struct_conn_angle.ptnr3_auth_seq_id 
_pdbx_struct_conn_angle.ptnr3_PDB_ins_code 
_pdbx_struct_conn_angle.ptnr3_symmetry 
_pdbx_struct_conn_angle.value 
_pdbx_struct_conn_angle.value_esd 
1 O ? E HOH . ? B HOH 21 ? 1_555 NA ? C NA . ? B NA 25 ? 1_555 O ? E HOH . ? B HOH 24 ? 1_555 117.3 ? 
2 O ? E HOH . ? B HOH 21 ? 1_555 NA ? C NA . ? B NA 25 ? 1_555 O ? E HOH . ? B HOH 60 ? 1_555 149.7 ? 
3 O ? E HOH . ? B HOH 24 ? 1_555 NA ? C NA . ? B NA 25 ? 1_555 O ? E HOH . ? B HOH 60 ? 1_555 63.9  ? 
4 O ? E HOH . ? B HOH 21 ? 1_555 NA ? C NA . ? B NA 25 ? 1_555 O ? E HOH . ? B HOH 69 ? 1_555 56.4  ? 
5 O ? E HOH . ? B HOH 24 ? 1_555 NA ? C NA . ? B NA 25 ? 1_555 O ? E HOH . ? B HOH 69 ? 1_555 85.1  ? 
6 O ? E HOH . ? B HOH 60 ? 1_555 NA ? C NA . ? B NA 25 ? 1_555 O ? E HOH . ? B HOH 69 ? 1_555 95.0  ? 
# 
loop_
_pdbx_audit_revision_history.ordinal 
_pdbx_audit_revision_history.data_content_type 
_pdbx_audit_revision_history.major_revision 
_pdbx_audit_revision_history.minor_revision 
_pdbx_audit_revision_history.revision_date 
1 'Structure model' 1 0 2007-03-27 
2 'Structure model' 1 1 2008-05-01 
3 'Structure model' 1 2 2011-07-13 
4 'Structure model' 1 3 2017-10-18 
5 'Structure model' 1 4 2023-08-30 
# 
_pdbx_audit_revision_details.ordinal             1 
_pdbx_audit_revision_details.revision_ordinal    1 
_pdbx_audit_revision_details.data_content_type   'Structure model' 
_pdbx_audit_revision_details.provider            repository 
_pdbx_audit_revision_details.type                'Initial release' 
_pdbx_audit_revision_details.description         ? 
_pdbx_audit_revision_details.details             ? 
# 
loop_
_pdbx_audit_revision_group.ordinal 
_pdbx_audit_revision_group.revision_ordinal 
_pdbx_audit_revision_group.data_content_type 
_pdbx_audit_revision_group.group 
1 2 'Structure model' 'Version format compliance' 
2 3 'Structure model' 'Version format compliance' 
3 4 'Structure model' 'Refinement description'    
4 5 'Structure model' 'Data collection'           
5 5 'Structure model' 'Database references'       
6 5 'Structure model' 'Derived calculations'      
7 5 'Structure model' 'Refinement description'    
# 
loop_
_pdbx_audit_revision_category.ordinal 
_pdbx_audit_revision_category.revision_ordinal 
_pdbx_audit_revision_category.data_content_type 
_pdbx_audit_revision_category.category 
1 4 'Structure model' software                      
2 5 'Structure model' chem_comp_atom                
3 5 'Structure model' chem_comp_bond                
4 5 'Structure model' database_2                    
5 5 'Structure model' pdbx_initial_refinement_model 
6 5 'Structure model' pdbx_struct_conn_angle        
7 5 'Structure model' struct_conn                   
8 5 'Structure model' struct_conn_type              
9 5 'Structure model' struct_site                   
# 
loop_
_pdbx_audit_revision_item.ordinal 
_pdbx_audit_revision_item.revision_ordinal 
_pdbx_audit_revision_item.data_content_type 
_pdbx_audit_revision_item.item 
1  5 'Structure model' '_database_2.pdbx_DOI'                      
2  5 'Structure model' '_database_2.pdbx_database_accession'       
3  5 'Structure model' '_pdbx_struct_conn_angle.ptnr1_auth_seq_id' 
4  5 'Structure model' '_pdbx_struct_conn_angle.ptnr3_auth_seq_id' 
5  5 'Structure model' '_pdbx_struct_conn_angle.value'             
6  5 'Structure model' '_struct_conn.conn_type_id'                 
7  5 'Structure model' '_struct_conn.id'                           
8  5 'Structure model' '_struct_conn.pdbx_dist_value'              
9  5 'Structure model' '_struct_conn.pdbx_leaving_atom_flag'       
10 5 'Structure model' '_struct_conn.ptnr1_auth_asym_id'           
11 5 'Structure model' '_struct_conn.ptnr1_auth_comp_id'           
12 5 'Structure model' '_struct_conn.ptnr1_auth_seq_id'            
13 5 'Structure model' '_struct_conn.ptnr1_label_asym_id'          
14 5 'Structure model' '_struct_conn.ptnr1_label_atom_id'          
15 5 'Structure model' '_struct_conn.ptnr1_label_comp_id'          
16 5 'Structure model' '_struct_conn.ptnr1_label_seq_id'           
17 5 'Structure model' '_struct_conn.ptnr2_auth_asym_id'           
18 5 'Structure model' '_struct_conn.ptnr2_auth_comp_id'           
19 5 'Structure model' '_struct_conn.ptnr2_auth_seq_id'            
20 5 'Structure model' '_struct_conn.ptnr2_label_asym_id'          
21 5 'Structure model' '_struct_conn.ptnr2_label_atom_id'          
22 5 'Structure model' '_struct_conn.ptnr2_label_comp_id'          
23 5 'Structure model' '_struct_conn.ptnr2_label_seq_id'           
24 5 'Structure model' '_struct_conn_type.id'                      
25 5 'Structure model' '_struct_site.pdbx_auth_asym_id'            
26 5 'Structure model' '_struct_site.pdbx_auth_comp_id'            
27 5 'Structure model' '_struct_site.pdbx_auth_seq_id'             
# 
loop_
_software.name 
_software.classification 
_software.version 
_software.citation_id 
_software.pdbx_ordinal 
CNS      refinement       1.1 ? 1 
HKL-2000 'data reduction' .   ? 2 
HKL-2000 'data scaling'   .   ? 3 
EPMR     phasing          .   ? 4 
# 
_pdbx_validate_rmsd_bond.id                        1 
_pdbx_validate_rmsd_bond.PDB_model_num             1 
_pdbx_validate_rmsd_bond.auth_atom_id_1            N3 
_pdbx_validate_rmsd_bond.auth_asym_id_1            B 
_pdbx_validate_rmsd_bond.auth_comp_id_1            DC 
_pdbx_validate_rmsd_bond.auth_seq_id_1             17 
_pdbx_validate_rmsd_bond.PDB_ins_code_1            ? 
_pdbx_validate_rmsd_bond.label_alt_id_1            ? 
_pdbx_validate_rmsd_bond.auth_atom_id_2            C4 
_pdbx_validate_rmsd_bond.auth_asym_id_2            B 
_pdbx_validate_rmsd_bond.auth_comp_id_2            DC 
_pdbx_validate_rmsd_bond.auth_seq_id_2             17 
_pdbx_validate_rmsd_bond.PDB_ins_code_2            ? 
_pdbx_validate_rmsd_bond.label_alt_id_2            ? 
_pdbx_validate_rmsd_bond.bond_value                1.381 
_pdbx_validate_rmsd_bond.bond_target_value         1.335 
_pdbx_validate_rmsd_bond.bond_deviation            0.046 
_pdbx_validate_rmsd_bond.bond_standard_deviation   0.007 
_pdbx_validate_rmsd_bond.linker_flag               N 
# 
loop_
_pdbx_validate_rmsd_angle.id 
_pdbx_validate_rmsd_angle.PDB_model_num 
_pdbx_validate_rmsd_angle.auth_atom_id_1 
_pdbx_validate_rmsd_angle.auth_asym_id_1 
_pdbx_validate_rmsd_angle.auth_comp_id_1 
_pdbx_validate_rmsd_angle.auth_seq_id_1 
_pdbx_validate_rmsd_angle.PDB_ins_code_1 
_pdbx_validate_rmsd_angle.label_alt_id_1 
_pdbx_validate_rmsd_angle.auth_atom_id_2 
_pdbx_validate_rmsd_angle.auth_asym_id_2 
_pdbx_validate_rmsd_angle.auth_comp_id_2 
_pdbx_validate_rmsd_angle.auth_seq_id_2 
_pdbx_validate_rmsd_angle.PDB_ins_code_2 
_pdbx_validate_rmsd_angle.label_alt_id_2 
_pdbx_validate_rmsd_angle.auth_atom_id_3 
_pdbx_validate_rmsd_angle.auth_asym_id_3 
_pdbx_validate_rmsd_angle.auth_comp_id_3 
_pdbx_validate_rmsd_angle.auth_seq_id_3 
_pdbx_validate_rmsd_angle.PDB_ins_code_3 
_pdbx_validate_rmsd_angle.label_alt_id_3 
_pdbx_validate_rmsd_angle.angle_value 
_pdbx_validate_rmsd_angle.angle_target_value 
_pdbx_validate_rmsd_angle.angle_deviation 
_pdbx_validate_rmsd_angle.angle_standard_deviation 
_pdbx_validate_rmsd_angle.linker_flag 
1 1 N1 A DT 5  ? ? "C1'" A DT 5  ? ? "C2'" A DT 5  ? ? 122.71 114.30 8.41  1.40 N 
2 1 C2 B DC 17 ? ? N3    B DC 17 ? ? C4    B DC 17 ? ? 126.88 119.90 6.98  0.50 N 
3 1 N3 B DC 17 ? ? C4    B DC 17 ? ? C5    B DC 17 ? ? 114.53 121.90 -7.37 0.40 N 
4 1 N1 B DC 17 ? ? C2    B DC 17 ? ? O2    B DC 17 ? ? 122.69 118.90 3.79  0.60 N 
# 
loop_
_chem_comp_atom.comp_id 
_chem_comp_atom.atom_id 
_chem_comp_atom.type_symbol 
_chem_comp_atom.pdbx_aromatic_flag 
_chem_comp_atom.pdbx_stereo_config 
_chem_comp_atom.pdbx_ordinal 
BRU N1     N  N N 1   
BRU C2     C  N N 2   
BRU N3     N  N N 3   
BRU C4     C  N N 4   
BRU C5     C  N N 5   
BRU C6     C  N N 6   
BRU O2     O  N N 7   
BRU O4     O  N N 8   
BRU BR     BR N N 9   
BRU "C1'"  C  N R 10  
BRU "C2'"  C  N N 11  
BRU "C3'"  C  N S 12  
BRU "C4'"  C  N R 13  
BRU "O3'"  O  N N 14  
BRU "O4'"  O  N N 15  
BRU "C5'"  C  N N 16  
BRU "O5'"  O  N N 17  
BRU P      P  N N 18  
BRU OP1    O  N N 19  
BRU OP2    O  N N 20  
BRU OP3    O  N N 21  
BRU HN3    H  N N 22  
BRU H6     H  N N 23  
BRU "H1'"  H  N N 24  
BRU "H2'"  H  N N 25  
BRU "H2''" H  N N 26  
BRU "H3'"  H  N N 27  
BRU "H4'"  H  N N 28  
BRU "HO3'" H  N N 29  
BRU "H5'"  H  N N 30  
BRU "H5''" H  N N 31  
BRU HOP2   H  N N 32  
BRU HOP3   H  N N 33  
DA  OP3    O  N N 34  
DA  P      P  N N 35  
DA  OP1    O  N N 36  
DA  OP2    O  N N 37  
DA  "O5'"  O  N N 38  
DA  "C5'"  C  N N 39  
DA  "C4'"  C  N R 40  
DA  "O4'"  O  N N 41  
DA  "C3'"  C  N S 42  
DA  "O3'"  O  N N 43  
DA  "C2'"  C  N N 44  
DA  "C1'"  C  N R 45  
DA  N9     N  Y N 46  
DA  C8     C  Y N 47  
DA  N7     N  Y N 48  
DA  C5     C  Y N 49  
DA  C6     C  Y N 50  
DA  N6     N  N N 51  
DA  N1     N  Y N 52  
DA  C2     C  Y N 53  
DA  N3     N  Y N 54  
DA  C4     C  Y N 55  
DA  HOP3   H  N N 56  
DA  HOP2   H  N N 57  
DA  "H5'"  H  N N 58  
DA  "H5''" H  N N 59  
DA  "H4'"  H  N N 60  
DA  "H3'"  H  N N 61  
DA  "HO3'" H  N N 62  
DA  "H2'"  H  N N 63  
DA  "H2''" H  N N 64  
DA  "H1'"  H  N N 65  
DA  H8     H  N N 66  
DA  H61    H  N N 67  
DA  H62    H  N N 68  
DA  H2     H  N N 69  
DC  OP3    O  N N 70  
DC  P      P  N N 71  
DC  OP1    O  N N 72  
DC  OP2    O  N N 73  
DC  "O5'"  O  N N 74  
DC  "C5'"  C  N N 75  
DC  "C4'"  C  N R 76  
DC  "O4'"  O  N N 77  
DC  "C3'"  C  N S 78  
DC  "O3'"  O  N N 79  
DC  "C2'"  C  N N 80  
DC  "C1'"  C  N R 81  
DC  N1     N  N N 82  
DC  C2     C  N N 83  
DC  O2     O  N N 84  
DC  N3     N  N N 85  
DC  C4     C  N N 86  
DC  N4     N  N N 87  
DC  C5     C  N N 88  
DC  C6     C  N N 89  
DC  HOP3   H  N N 90  
DC  HOP2   H  N N 91  
DC  "H5'"  H  N N 92  
DC  "H5''" H  N N 93  
DC  "H4'"  H  N N 94  
DC  "H3'"  H  N N 95  
DC  "HO3'" H  N N 96  
DC  "H2'"  H  N N 97  
DC  "H2''" H  N N 98  
DC  "H1'"  H  N N 99  
DC  H41    H  N N 100 
DC  H42    H  N N 101 
DC  H5     H  N N 102 
DC  H6     H  N N 103 
DG  OP3    O  N N 104 
DG  P      P  N N 105 
DG  OP1    O  N N 106 
DG  OP2    O  N N 107 
DG  "O5'"  O  N N 108 
DG  "C5'"  C  N N 109 
DG  "C4'"  C  N R 110 
DG  "O4'"  O  N N 111 
DG  "C3'"  C  N S 112 
DG  "O3'"  O  N N 113 
DG  "C2'"  C  N N 114 
DG  "C1'"  C  N R 115 
DG  N9     N  Y N 116 
DG  C8     C  Y N 117 
DG  N7     N  Y N 118 
DG  C5     C  Y N 119 
DG  C6     C  N N 120 
DG  O6     O  N N 121 
DG  N1     N  N N 122 
DG  C2     C  N N 123 
DG  N2     N  N N 124 
DG  N3     N  N N 125 
DG  C4     C  Y N 126 
DG  HOP3   H  N N 127 
DG  HOP2   H  N N 128 
DG  "H5'"  H  N N 129 
DG  "H5''" H  N N 130 
DG  "H4'"  H  N N 131 
DG  "H3'"  H  N N 132 
DG  "HO3'" H  N N 133 
DG  "H2'"  H  N N 134 
DG  "H2''" H  N N 135 
DG  "H1'"  H  N N 136 
DG  H8     H  N N 137 
DG  H1     H  N N 138 
DG  H21    H  N N 139 
DG  H22    H  N N 140 
DT  OP3    O  N N 141 
DT  P      P  N N 142 
DT  OP1    O  N N 143 
DT  OP2    O  N N 144 
DT  "O5'"  O  N N 145 
DT  "C5'"  C  N N 146 
DT  "C4'"  C  N R 147 
DT  "O4'"  O  N N 148 
DT  "C3'"  C  N S 149 
DT  "O3'"  O  N N 150 
DT  "C2'"  C  N N 151 
DT  "C1'"  C  N R 152 
DT  N1     N  N N 153 
DT  C2     C  N N 154 
DT  O2     O  N N 155 
DT  N3     N  N N 156 
DT  C4     C  N N 157 
DT  O4     O  N N 158 
DT  C5     C  N N 159 
DT  C7     C  N N 160 
DT  C6     C  N N 161 
DT  HOP3   H  N N 162 
DT  HOP2   H  N N 163 
DT  "H5'"  H  N N 164 
DT  "H5''" H  N N 165 
DT  "H4'"  H  N N 166 
DT  "H3'"  H  N N 167 
DT  "HO3'" H  N N 168 
DT  "H2'"  H  N N 169 
DT  "H2''" H  N N 170 
DT  "H1'"  H  N N 171 
DT  H3     H  N N 172 
DT  H71    H  N N 173 
DT  H72    H  N N 174 
DT  H73    H  N N 175 
DT  H6     H  N N 176 
HOH O      O  N N 177 
HOH H1     H  N N 178 
HOH H2     H  N N 179 
NA  NA     NA N N 180 
# 
loop_
_chem_comp_bond.comp_id 
_chem_comp_bond.atom_id_1 
_chem_comp_bond.atom_id_2 
_chem_comp_bond.value_order 
_chem_comp_bond.pdbx_aromatic_flag 
_chem_comp_bond.pdbx_stereo_config 
_chem_comp_bond.pdbx_ordinal 
BRU N1    C2     sing N N 1   
BRU N1    C6     sing N N 2   
BRU N1    "C1'"  sing N N 3   
BRU C2    N3     sing N N 4   
BRU C2    O2     doub N N 5   
BRU N3    C4     sing N N 6   
BRU N3    HN3    sing N N 7   
BRU C4    C5     sing N N 8   
BRU C4    O4     doub N N 9   
BRU C5    C6     doub N N 10  
BRU C5    BR     sing N N 11  
BRU C6    H6     sing N N 12  
BRU "C1'" "C2'"  sing N N 13  
BRU "C1'" "O4'"  sing N N 14  
BRU "C1'" "H1'"  sing N N 15  
BRU "C2'" "C3'"  sing N N 16  
BRU "C2'" "H2'"  sing N N 17  
BRU "C2'" "H2''" sing N N 18  
BRU "C3'" "C4'"  sing N N 19  
BRU "C3'" "O3'"  sing N N 20  
BRU "C3'" "H3'"  sing N N 21  
BRU "C4'" "O4'"  sing N N 22  
BRU "C4'" "C5'"  sing N N 23  
BRU "C4'" "H4'"  sing N N 24  
BRU "O3'" "HO3'" sing N N 25  
BRU "C5'" "O5'"  sing N N 26  
BRU "C5'" "H5'"  sing N N 27  
BRU "C5'" "H5''" sing N N 28  
BRU "O5'" P      sing N N 29  
BRU P     OP1    doub N N 30  
BRU P     OP2    sing N N 31  
BRU P     OP3    sing N N 32  
BRU OP2   HOP2   sing N N 33  
BRU OP3   HOP3   sing N N 34  
DA  OP3   P      sing N N 35  
DA  OP3   HOP3   sing N N 36  
DA  P     OP1    doub N N 37  
DA  P     OP2    sing N N 38  
DA  P     "O5'"  sing N N 39  
DA  OP2   HOP2   sing N N 40  
DA  "O5'" "C5'"  sing N N 41  
DA  "C5'" "C4'"  sing N N 42  
DA  "C5'" "H5'"  sing N N 43  
DA  "C5'" "H5''" sing N N 44  
DA  "C4'" "O4'"  sing N N 45  
DA  "C4'" "C3'"  sing N N 46  
DA  "C4'" "H4'"  sing N N 47  
DA  "O4'" "C1'"  sing N N 48  
DA  "C3'" "O3'"  sing N N 49  
DA  "C3'" "C2'"  sing N N 50  
DA  "C3'" "H3'"  sing N N 51  
DA  "O3'" "HO3'" sing N N 52  
DA  "C2'" "C1'"  sing N N 53  
DA  "C2'" "H2'"  sing N N 54  
DA  "C2'" "H2''" sing N N 55  
DA  "C1'" N9     sing N N 56  
DA  "C1'" "H1'"  sing N N 57  
DA  N9    C8     sing Y N 58  
DA  N9    C4     sing Y N 59  
DA  C8    N7     doub Y N 60  
DA  C8    H8     sing N N 61  
DA  N7    C5     sing Y N 62  
DA  C5    C6     sing Y N 63  
DA  C5    C4     doub Y N 64  
DA  C6    N6     sing N N 65  
DA  C6    N1     doub Y N 66  
DA  N6    H61    sing N N 67  
DA  N6    H62    sing N N 68  
DA  N1    C2     sing Y N 69  
DA  C2    N3     doub Y N 70  
DA  C2    H2     sing N N 71  
DA  N3    C4     sing Y N 72  
DC  OP3   P      sing N N 73  
DC  OP3   HOP3   sing N N 74  
DC  P     OP1    doub N N 75  
DC  P     OP2    sing N N 76  
DC  P     "O5'"  sing N N 77  
DC  OP2   HOP2   sing N N 78  
DC  "O5'" "C5'"  sing N N 79  
DC  "C5'" "C4'"  sing N N 80  
DC  "C5'" "H5'"  sing N N 81  
DC  "C5'" "H5''" sing N N 82  
DC  "C4'" "O4'"  sing N N 83  
DC  "C4'" "C3'"  sing N N 84  
DC  "C4'" "H4'"  sing N N 85  
DC  "O4'" "C1'"  sing N N 86  
DC  "C3'" "O3'"  sing N N 87  
DC  "C3'" "C2'"  sing N N 88  
DC  "C3'" "H3'"  sing N N 89  
DC  "O3'" "HO3'" sing N N 90  
DC  "C2'" "C1'"  sing N N 91  
DC  "C2'" "H2'"  sing N N 92  
DC  "C2'" "H2''" sing N N 93  
DC  "C1'" N1     sing N N 94  
DC  "C1'" "H1'"  sing N N 95  
DC  N1    C2     sing N N 96  
DC  N1    C6     sing N N 97  
DC  C2    O2     doub N N 98  
DC  C2    N3     sing N N 99  
DC  N3    C4     doub N N 100 
DC  C4    N4     sing N N 101 
DC  C4    C5     sing N N 102 
DC  N4    H41    sing N N 103 
DC  N4    H42    sing N N 104 
DC  C5    C6     doub N N 105 
DC  C5    H5     sing N N 106 
DC  C6    H6     sing N N 107 
DG  OP3   P      sing N N 108 
DG  OP3   HOP3   sing N N 109 
DG  P     OP1    doub N N 110 
DG  P     OP2    sing N N 111 
DG  P     "O5'"  sing N N 112 
DG  OP2   HOP2   sing N N 113 
DG  "O5'" "C5'"  sing N N 114 
DG  "C5'" "C4'"  sing N N 115 
DG  "C5'" "H5'"  sing N N 116 
DG  "C5'" "H5''" sing N N 117 
DG  "C4'" "O4'"  sing N N 118 
DG  "C4'" "C3'"  sing N N 119 
DG  "C4'" "H4'"  sing N N 120 
DG  "O4'" "C1'"  sing N N 121 
DG  "C3'" "O3'"  sing N N 122 
DG  "C3'" "C2'"  sing N N 123 
DG  "C3'" "H3'"  sing N N 124 
DG  "O3'" "HO3'" sing N N 125 
DG  "C2'" "C1'"  sing N N 126 
DG  "C2'" "H2'"  sing N N 127 
DG  "C2'" "H2''" sing N N 128 
DG  "C1'" N9     sing N N 129 
DG  "C1'" "H1'"  sing N N 130 
DG  N9    C8     sing Y N 131 
DG  N9    C4     sing Y N 132 
DG  C8    N7     doub Y N 133 
DG  C8    H8     sing N N 134 
DG  N7    C5     sing Y N 135 
DG  C5    C6     sing N N 136 
DG  C5    C4     doub Y N 137 
DG  C6    O6     doub N N 138 
DG  C6    N1     sing N N 139 
DG  N1    C2     sing N N 140 
DG  N1    H1     sing N N 141 
DG  C2    N2     sing N N 142 
DG  C2    N3     doub N N 143 
DG  N2    H21    sing N N 144 
DG  N2    H22    sing N N 145 
DG  N3    C4     sing N N 146 
DT  OP3   P      sing N N 147 
DT  OP3   HOP3   sing N N 148 
DT  P     OP1    doub N N 149 
DT  P     OP2    sing N N 150 
DT  P     "O5'"  sing N N 151 
DT  OP2   HOP2   sing N N 152 
DT  "O5'" "C5'"  sing N N 153 
DT  "C5'" "C4'"  sing N N 154 
DT  "C5'" "H5'"  sing N N 155 
DT  "C5'" "H5''" sing N N 156 
DT  "C4'" "O4'"  sing N N 157 
DT  "C4'" "C3'"  sing N N 158 
DT  "C4'" "H4'"  sing N N 159 
DT  "O4'" "C1'"  sing N N 160 
DT  "C3'" "O3'"  sing N N 161 
DT  "C3'" "C2'"  sing N N 162 
DT  "C3'" "H3'"  sing N N 163 
DT  "O3'" "HO3'" sing N N 164 
DT  "C2'" "C1'"  sing N N 165 
DT  "C2'" "H2'"  sing N N 166 
DT  "C2'" "H2''" sing N N 167 
DT  "C1'" N1     sing N N 168 
DT  "C1'" "H1'"  sing N N 169 
DT  N1    C2     sing N N 170 
DT  N1    C6     sing N N 171 
DT  C2    O2     doub N N 172 
DT  C2    N3     sing N N 173 
DT  N3    C4     sing N N 174 
DT  N3    H3     sing N N 175 
DT  C4    O4     doub N N 176 
DT  C4    C5     sing N N 177 
DT  C5    C7     sing N N 178 
DT  C5    C6     doub N N 179 
DT  C7    H71    sing N N 180 
DT  C7    H72    sing N N 181 
DT  C7    H73    sing N N 182 
DT  C6    H6     sing N N 183 
HOH O     H1     sing N N 184 
HOH O     H2     sing N N 185 
# 
_ndb_struct_conf_na.entry_id   2ORF 
_ndb_struct_conf_na.feature    'b-form double helix' 
# 
loop_
_ndb_struct_na_base_pair.model_number 
_ndb_struct_na_base_pair.i_label_asym_id 
_ndb_struct_na_base_pair.i_label_comp_id 
_ndb_struct_na_base_pair.i_label_seq_id 
_ndb_struct_na_base_pair.i_symmetry 
_ndb_struct_na_base_pair.j_label_asym_id 
_ndb_struct_na_base_pair.j_label_comp_id 
_ndb_struct_na_base_pair.j_label_seq_id 
_ndb_struct_na_base_pair.j_symmetry 
_ndb_struct_na_base_pair.shear 
_ndb_struct_na_base_pair.stretch 
_ndb_struct_na_base_pair.stagger 
_ndb_struct_na_base_pair.buckle 
_ndb_struct_na_base_pair.propeller 
_ndb_struct_na_base_pair.opening 
_ndb_struct_na_base_pair.pair_number 
_ndb_struct_na_base_pair.pair_name 
_ndb_struct_na_base_pair.i_auth_asym_id 
_ndb_struct_na_base_pair.i_auth_seq_id 
_ndb_struct_na_base_pair.i_PDB_ins_code 
_ndb_struct_na_base_pair.j_auth_asym_id 
_ndb_struct_na_base_pair.j_auth_seq_id 
_ndb_struct_na_base_pair.j_PDB_ins_code 
_ndb_struct_na_base_pair.hbond_type_28 
_ndb_struct_na_base_pair.hbond_type_12 
1 A DC 1 1_555 B DG 10 1_555 0.387  -0.285 0.360  1.003   -18.024 4.167  1 A_DC1:DG20_B A 1 ? B 20 ? 19 1 
1 A DC 2 1_555 B DG 9  1_555 0.788  -0.380 0.779  -0.747  -9.322  4.342  2 A_DC2:DG19_B A 2 ? B 19 ? 19 1 
1 A DG 3 1_555 B DC 8  1_555 -0.495 -0.469 -0.277 -1.695  -10.803 -2.847 3 A_DG3:DC18_B A 3 ? B 18 ? 19 1 
1 A DG 4 1_555 B DC 7  1_555 -0.240 0.014  -0.286 -5.765  -36.652 1.631  4 A_DG4:DC17_B A 4 ? B 17 ? 19 1 
1 A DT 5 1_555 B DA 6  1_555 0.275  -0.308 -0.836 -16.618 -23.892 -6.560 5 A_DT5:DA16_B A 5 ? B 16 ? 20 1 
1 A DA 6 1_555 B DT 5  1_555 -0.387 -0.048 -0.353 -9.071  -21.107 1.198  6 A_DA6:DT15_B A 6 ? B 15 ? 20 1 
# 
loop_
_ndb_struct_na_base_pair_step.model_number 
_ndb_struct_na_base_pair_step.i_label_asym_id_1 
_ndb_struct_na_base_pair_step.i_label_comp_id_1 
_ndb_struct_na_base_pair_step.i_label_seq_id_1 
_ndb_struct_na_base_pair_step.i_symmetry_1 
_ndb_struct_na_base_pair_step.j_label_asym_id_1 
_ndb_struct_na_base_pair_step.j_label_comp_id_1 
_ndb_struct_na_base_pair_step.j_label_seq_id_1 
_ndb_struct_na_base_pair_step.j_symmetry_1 
_ndb_struct_na_base_pair_step.i_label_asym_id_2 
_ndb_struct_na_base_pair_step.i_label_comp_id_2 
_ndb_struct_na_base_pair_step.i_label_seq_id_2 
_ndb_struct_na_base_pair_step.i_symmetry_2 
_ndb_struct_na_base_pair_step.j_label_asym_id_2 
_ndb_struct_na_base_pair_step.j_label_comp_id_2 
_ndb_struct_na_base_pair_step.j_label_seq_id_2 
_ndb_struct_na_base_pair_step.j_symmetry_2 
_ndb_struct_na_base_pair_step.shift 
_ndb_struct_na_base_pair_step.slide 
_ndb_struct_na_base_pair_step.rise 
_ndb_struct_na_base_pair_step.tilt 
_ndb_struct_na_base_pair_step.roll 
_ndb_struct_na_base_pair_step.twist 
_ndb_struct_na_base_pair_step.x_displacement 
_ndb_struct_na_base_pair_step.y_displacement 
_ndb_struct_na_base_pair_step.helical_rise 
_ndb_struct_na_base_pair_step.inclination 
_ndb_struct_na_base_pair_step.tip 
_ndb_struct_na_base_pair_step.helical_twist 
_ndb_struct_na_base_pair_step.step_number 
_ndb_struct_na_base_pair_step.step_name 
_ndb_struct_na_base_pair_step.i_auth_asym_id_1 
_ndb_struct_na_base_pair_step.i_auth_seq_id_1 
_ndb_struct_na_base_pair_step.i_PDB_ins_code_1 
_ndb_struct_na_base_pair_step.j_auth_asym_id_1 
_ndb_struct_na_base_pair_step.j_auth_seq_id_1 
_ndb_struct_na_base_pair_step.j_PDB_ins_code_1 
_ndb_struct_na_base_pair_step.i_auth_asym_id_2 
_ndb_struct_na_base_pair_step.i_auth_seq_id_2 
_ndb_struct_na_base_pair_step.i_PDB_ins_code_2 
_ndb_struct_na_base_pair_step.j_auth_asym_id_2 
_ndb_struct_na_base_pair_step.j_auth_seq_id_2 
_ndb_struct_na_base_pair_step.j_PDB_ins_code_2 
1 A DC 1 1_555 B DG 10 1_555 A DC 2 1_555 B DG 9 1_555 0.513  2.510 3.844 -1.112 6.404  44.855 2.562 -0.787 4.133 8.341  1.448   
45.300 1 AA_DC1DC2:DG19DG20_BB A 1 ? B 20 ? A 2 ? B 19 ? 
1 A DC 2 1_555 B DG 9  1_555 A DG 3 1_555 B DC 8 1_555 -0.405 2.458 3.292 7.998  -2.498 31.809 4.757 2.037  2.911 -4.461 -14.285 
32.866 2 AA_DC2DG3:DC18DG19_BB A 2 ? B 19 ? A 3 ? B 18 ? 
1 A DG 3 1_555 B DC 8  1_555 A DG 4 1_555 B DC 7 1_555 -0.974 1.851 3.453 -6.825 6.936  38.127 1.819 0.530  3.831 10.412 10.245  
39.304 3 AA_DG3DG4:DC17DC18_BB A 3 ? B 18 ? A 4 ? B 17 ? 
1 A DG 4 1_555 B DC 7  1_555 A DT 5 1_555 B DA 6 1_555 0.429  0.514 3.518 6.132  3.241  35.882 0.330 0.242  3.571 5.201  -9.840  
36.524 4 AA_DG4DT5:DA16DC17_BB A 4 ? B 17 ? A 5 ? B 16 ? 
1 A DT 5 1_555 B DA 6  1_555 A DA 6 1_555 B DT 5 1_555 -0.048 1.886 3.061 -6.245 9.632  36.373 1.655 -0.727 3.396 14.977 9.712   
38.083 5 AA_DT5DA6:DT15DA16_BB A 5 ? B 16 ? A 6 ? B 15 ? 
# 
loop_
_pdbx_entity_nonpoly.entity_id 
_pdbx_entity_nonpoly.name 
_pdbx_entity_nonpoly.comp_id 
3 'SODIUM ION' NA  
4 water        HOH 
# 
_pdbx_initial_refinement_model.id               1 
_pdbx_initial_refinement_model.entity_id_list   ? 
_pdbx_initial_refinement_model.type             'experimental model' 
_pdbx_initial_refinement_model.source_name      PDB 
_pdbx_initial_refinement_model.accession_code   1P54 
_pdbx_initial_refinement_model.details          ? 
# 
